data_8YRS
#
_entry.id   8YRS
#
_cell.length_a   83.323
_cell.length_b   96.573
_cell.length_c   96.806
_cell.angle_alpha   90.00
_cell.angle_beta   106.88
_cell.angle_gamma   90.00
#
_symmetry.space_group_name_H-M   'P 1 21 1'
#
loop_
_entity.id
_entity.type
_entity.pdbx_description
1 polymer 'ATP-dependent DNA helicase Q1'
2 polymer "DNA (5'-D(*AP*GP*CP*GP*TP*CP*GP*AP*GP*AP*TP*CP*C)-3')"
3 polymer 'DNA (27-MER)'
4 non-polymer 'ZINC ION'
#
loop_
_entity_poly.entity_id
_entity_poly.type
_entity_poly.pdbx_seq_one_letter_code
_entity_poly.pdbx_strand_id
1 'polypeptide(L)'
;MGSSHHHHHHSSGLVPRGSHMCLEDSDAGASNEYDSSPAAWNKEDFPWSGKVKDILQNVFKLEKFRPLQLETINVTMAGK
EVFLVMPTGGGKSLCYQLPALCSDGFTLVICPLISLMEDQLMVLKQLGISATMLNASSSKEHVKWVHAEMVNKNSELKLI
YVTPEKIAKSKMFMSRLEKAYEARRFTRIAVDEVHCCSQWGHDFRPDYKALGILKRQFPNASLIGLTATATNHVLTDAQK
ILCIEKCFTFTASFNRPNLYYEVRQKPSNTEDFIEDIVKLINGRYKGQSGIIYCFSQKDSEQVTVSLQNLGIHAGAYHAN
LEPEDKTTVHRKWSANEIQVVVATVAFGMGIDKPDVRFVIHHSMSKSMENYYQESGRAGRDDMKADCILYYGFGDIFRIS
SMVVMENVGQQKLYEMVSYCQNISKCRRVLMAQHFDEVWNSEACNKMCDNCCKGGGGSGGGGSDSAFERKNITEYCRDLI
KILKQAEELNEKLTPLKLIDSWMGKGAAKLRVAGVVAPTLPREDLEKIIAHFLIQQYLKEDYSFTAYATISYLKIGPKAN
LLNNEAHAITMQVTKSTQNSFRAESSQTCHSEQGDKKME
;
A,B
2 'polydeoxyribonucleotide' (DA)(DG)(DC)(DG)(DT)(DC)(DG)(DA)(DG)(DA)(DT)(DC)(DC) C,P
3 'polydeoxyribonucleotide'
;(DC)(DG)(DG)(DT)(DA)(DT)(DT)(DG)(DG)(DA)(DT)(DC)(DT)(DC)(DG)(DA)(DC)(DG)(DC)(DT)
(DC)(DT)(DC)(DC)(DC)(DT)(DT)
;
D,Q
#
loop_
_chem_comp.id
_chem_comp.type
_chem_comp.name
_chem_comp.formula
DA DNA linking 2'-DEOXYADENOSINE-5'-MONOPHOSPHATE 'C10 H14 N5 O6 P'
DC DNA linking 2'-DEOXYCYTIDINE-5'-MONOPHOSPHATE 'C9 H14 N3 O7 P'
DG DNA linking 2'-DEOXYGUANOSINE-5'-MONOPHOSPHATE 'C10 H14 N5 O7 P'
DT DNA linking THYMIDINE-5'-MONOPHOSPHATE 'C10 H15 N2 O8 P'
ZN non-polymer 'ZINC ION' 'Zn 2'
#
# COMPACT_ATOMS: atom_id res chain seq x y z
N ASP A 35 -6.88 -23.37 -8.34
CA ASP A 35 -8.34 -23.36 -8.39
C ASP A 35 -8.92 -24.71 -8.01
N SER A 36 -8.55 -25.77 -8.73
CA SER A 36 -9.04 -27.10 -8.40
C SER A 36 -8.00 -27.93 -7.63
N SER A 37 -6.86 -28.24 -8.25
CA SER A 37 -5.77 -28.95 -7.57
C SER A 37 -4.49 -29.01 -8.40
N PRO A 38 -3.33 -28.75 -7.80
CA PRO A 38 -2.07 -28.96 -8.54
C PRO A 38 -1.82 -30.41 -8.93
N ALA A 39 -2.33 -31.37 -8.13
CA ALA A 39 -2.04 -32.78 -8.39
C ALA A 39 -2.55 -33.23 -9.75
N ALA A 40 -3.68 -32.67 -10.19
CA ALA A 40 -4.23 -33.03 -11.50
C ALA A 40 -3.25 -32.75 -12.63
N TRP A 41 -2.33 -31.79 -12.44
CA TRP A 41 -1.39 -31.40 -13.48
C TRP A 41 -0.02 -32.06 -13.39
N ASN A 42 0.23 -32.88 -12.35
CA ASN A 42 1.51 -33.57 -12.24
C ASN A 42 1.52 -34.79 -13.18
N LYS A 43 1.38 -34.51 -14.47
CA LYS A 43 1.36 -35.53 -15.51
C LYS A 43 2.21 -35.11 -16.69
N GLU A 44 2.46 -36.05 -17.61
CA GLU A 44 3.16 -35.74 -18.85
C GLU A 44 2.46 -36.32 -20.08
N ASP A 45 1.14 -36.40 -20.08
CA ASP A 45 0.39 -36.83 -21.26
C ASP A 45 -0.02 -35.68 -22.17
N PHE A 46 0.37 -34.44 -21.85
CA PHE A 46 0.00 -33.31 -22.67
C PHE A 46 0.78 -33.33 -23.99
N PRO A 47 0.24 -32.70 -25.05
CA PRO A 47 0.94 -32.72 -26.34
C PRO A 47 2.33 -32.12 -26.28
N TRP A 48 2.50 -31.03 -25.55
CA TRP A 48 3.79 -30.38 -25.37
C TRP A 48 4.67 -31.09 -24.35
N SER A 49 4.09 -32.02 -23.56
CA SER A 49 4.84 -32.61 -22.46
C SER A 49 6.15 -33.23 -22.91
N GLY A 50 6.15 -33.89 -24.08
CA GLY A 50 7.42 -34.36 -24.62
C GLY A 50 8.36 -33.19 -24.87
N LYS A 51 7.85 -32.16 -25.54
CA LYS A 51 8.64 -30.96 -25.77
C LYS A 51 9.03 -30.33 -24.44
N VAL A 52 8.17 -30.36 -23.43
CA VAL A 52 8.66 -29.76 -22.21
C VAL A 52 9.96 -30.48 -21.84
N LYS A 53 9.89 -31.79 -21.84
CA LYS A 53 11.03 -32.57 -21.39
C LYS A 53 12.28 -32.40 -22.27
N ASP A 54 12.16 -32.23 -23.61
CA ASP A 54 13.42 -32.10 -24.37
C ASP A 54 14.18 -30.97 -23.71
N ILE A 55 13.50 -29.84 -23.66
CA ILE A 55 14.10 -28.61 -23.19
C ILE A 55 14.61 -28.78 -21.78
N LEU A 56 13.79 -29.38 -20.90
CA LEU A 56 14.26 -29.50 -19.53
C LEU A 56 15.63 -30.12 -19.51
N GLN A 57 15.78 -31.29 -20.14
CA GLN A 57 17.07 -31.96 -20.09
C GLN A 57 18.06 -31.35 -21.09
N ASN A 58 17.58 -30.75 -22.17
CA ASN A 58 18.55 -30.33 -23.18
C ASN A 58 19.07 -28.91 -22.98
N VAL A 59 18.18 -27.91 -22.95
CA VAL A 59 18.62 -26.54 -22.75
C VAL A 59 19.09 -26.30 -21.32
N PHE A 60 18.30 -26.75 -20.34
CA PHE A 60 18.56 -26.50 -18.92
C PHE A 60 19.43 -27.57 -18.24
N LYS A 61 19.62 -28.74 -18.85
CA LYS A 61 20.42 -29.83 -18.31
C LYS A 61 20.04 -30.16 -16.85
N LEU A 62 18.75 -30.49 -16.64
CA LEU A 62 18.20 -31.02 -15.38
C LEU A 62 17.44 -32.30 -15.66
N GLU A 63 17.76 -33.34 -14.89
CA GLU A 63 17.24 -34.68 -15.17
C GLU A 63 15.76 -34.80 -14.82
N LYS A 64 15.38 -34.20 -13.68
CA LYS A 64 14.07 -34.24 -13.04
C LYS A 64 13.53 -32.84 -12.79
N PHE A 65 12.23 -32.75 -12.58
CA PHE A 65 11.59 -31.49 -12.20
C PHE A 65 11.58 -31.35 -10.69
N ARG A 66 11.88 -30.14 -10.22
CA ARG A 66 11.77 -29.79 -8.83
C ARG A 66 10.28 -29.74 -8.46
N PRO A 67 9.93 -29.80 -7.17
CA PRO A 67 8.50 -29.81 -6.82
C PRO A 67 7.77 -28.61 -7.39
N LEU A 68 6.59 -28.88 -7.95
CA LEU A 68 5.64 -27.91 -8.50
C LEU A 68 6.11 -27.23 -9.78
N GLN A 69 7.28 -27.59 -10.31
CA GLN A 69 7.74 -27.01 -11.57
C GLN A 69 6.94 -27.53 -12.76
N LEU A 70 6.73 -28.85 -12.82
CA LEU A 70 5.97 -29.43 -13.93
C LEU A 70 4.52 -28.98 -13.91
N GLU A 71 3.93 -28.87 -12.72
CA GLU A 71 2.55 -28.43 -12.65
C GLU A 71 2.41 -27.00 -13.15
N THR A 72 3.29 -26.10 -12.70
CA THR A 72 3.22 -24.71 -13.15
C THR A 72 3.46 -24.60 -14.65
N ILE A 73 4.46 -25.34 -15.18
CA ILE A 73 4.75 -25.26 -16.60
C ILE A 73 3.58 -25.77 -17.45
N ASN A 74 2.96 -26.90 -17.04
CA ASN A 74 1.80 -27.42 -17.78
C ASN A 74 0.67 -26.42 -17.77
N VAL A 75 0.43 -25.79 -16.61
CA VAL A 75 -0.65 -24.79 -16.52
C VAL A 75 -0.39 -23.60 -17.42
N THR A 76 0.85 -23.14 -17.46
CA THR A 76 1.18 -22.03 -18.34
C THR A 76 0.96 -22.40 -19.80
N MET A 77 1.44 -23.57 -20.23
CA MET A 77 1.27 -23.99 -21.61
C MET A 77 -0.18 -24.23 -21.98
N ALA A 78 -1.05 -24.45 -21.00
CA ALA A 78 -2.50 -24.53 -21.24
C ALA A 78 -3.17 -23.16 -21.36
N GLY A 79 -2.42 -22.07 -21.34
CA GLY A 79 -3.02 -20.75 -21.50
C GLY A 79 -3.87 -20.28 -20.32
N LYS A 80 -3.32 -20.41 -19.12
CA LYS A 80 -4.07 -20.27 -17.88
C LYS A 80 -3.26 -19.49 -16.87
N GLU A 81 -3.83 -18.39 -16.37
CA GLU A 81 -3.07 -17.53 -15.46
C GLU A 81 -2.79 -18.31 -14.18
N VAL A 82 -1.55 -18.28 -13.73
CA VAL A 82 -1.16 -19.08 -12.57
C VAL A 82 -0.32 -18.25 -11.62
N PHE A 83 -0.62 -18.36 -10.33
CA PHE A 83 0.18 -17.77 -9.26
C PHE A 83 0.93 -18.88 -8.56
N LEU A 84 2.26 -18.75 -8.51
CA LEU A 84 3.13 -19.76 -7.92
C LEU A 84 3.80 -19.15 -6.70
N VAL A 85 3.54 -19.73 -5.54
CA VAL A 85 4.25 -19.40 -4.29
C VAL A 85 5.29 -20.48 -4.05
N MET A 86 6.55 -20.10 -4.03
CA MET A 86 7.59 -21.09 -3.90
C MET A 86 8.78 -20.52 -3.15
N PRO A 87 9.36 -21.26 -2.20
CA PRO A 87 10.47 -20.71 -1.43
C PRO A 87 11.64 -20.34 -2.33
N THR A 88 12.39 -19.31 -1.91
CA THR A 88 13.55 -18.86 -2.66
C THR A 88 14.54 -20.00 -2.82
N GLY A 89 15.06 -20.15 -4.04
CA GLY A 89 15.94 -21.24 -4.37
C GLY A 89 15.27 -22.53 -4.78
N GLY A 90 13.95 -22.56 -4.89
CA GLY A 90 13.28 -23.75 -5.34
C GLY A 90 13.17 -23.89 -6.83
N GLY A 91 13.58 -22.87 -7.58
CA GLY A 91 13.53 -22.93 -9.03
C GLY A 91 12.29 -22.28 -9.63
N LYS A 92 11.97 -21.05 -9.19
CA LYS A 92 10.80 -20.36 -9.72
C LYS A 92 11.01 -19.94 -11.17
N SER A 93 12.21 -19.44 -11.48
CA SER A 93 12.45 -18.82 -12.77
C SER A 93 12.24 -19.82 -13.91
N LEU A 94 12.54 -21.09 -13.67
CA LEU A 94 12.41 -22.11 -14.70
C LEU A 94 10.97 -22.20 -15.21
N CYS A 95 10.00 -22.09 -14.30
CA CYS A 95 8.59 -22.28 -14.68
C CYS A 95 8.12 -21.27 -15.72
N TYR A 96 8.79 -20.12 -15.86
CA TYR A 96 8.48 -19.21 -16.95
C TYR A 96 9.55 -19.18 -18.04
N GLN A 97 10.78 -19.60 -17.74
CA GLN A 97 11.83 -19.61 -18.75
C GLN A 97 11.66 -20.78 -19.72
N LEU A 98 11.27 -21.96 -19.23
CA LEU A 98 11.10 -23.10 -20.11
C LEU A 98 9.98 -22.90 -21.13
N PRO A 99 8.77 -22.46 -20.76
CA PRO A 99 7.76 -22.24 -21.80
C PRO A 99 8.17 -21.19 -22.80
N ALA A 100 9.11 -20.30 -22.47
CA ALA A 100 9.61 -19.32 -23.43
C ALA A 100 10.28 -20.00 -24.62
N LEU A 101 11.18 -20.97 -24.40
CA LEU A 101 11.71 -21.74 -25.52
C LEU A 101 10.71 -22.73 -26.07
N CYS A 102 9.71 -23.13 -25.29
CA CYS A 102 8.66 -23.95 -25.89
C CYS A 102 7.77 -23.12 -26.82
N SER A 103 7.64 -21.82 -26.57
CA SER A 103 6.75 -20.95 -27.34
C SER A 103 7.44 -20.45 -28.62
N ASP A 104 6.83 -19.46 -29.28
CA ASP A 104 7.27 -18.99 -30.59
C ASP A 104 8.15 -17.74 -30.53
N GLY A 105 7.65 -16.68 -29.91
CA GLY A 105 8.34 -15.40 -29.94
C GLY A 105 9.15 -15.09 -28.69
N PHE A 106 8.63 -14.24 -27.80
CA PHE A 106 9.35 -13.92 -26.58
C PHE A 106 8.38 -13.85 -25.41
N THR A 107 8.95 -13.87 -24.21
CA THR A 107 8.19 -13.75 -22.97
C THR A 107 8.61 -12.46 -22.28
N LEU A 108 7.63 -11.69 -21.83
CA LEU A 108 7.88 -10.44 -21.13
C LEU A 108 7.86 -10.72 -19.63
N VAL A 109 8.96 -10.39 -18.96
CA VAL A 109 9.09 -10.55 -17.52
C VAL A 109 9.19 -9.16 -16.91
N ILE A 110 8.39 -8.93 -15.87
CA ILE A 110 8.41 -7.68 -15.13
C ILE A 110 9.17 -7.96 -13.83
N CYS A 111 10.21 -7.17 -13.57
CA CYS A 111 11.05 -7.40 -12.42
C CYS A 111 11.27 -6.07 -11.70
N PRO A 112 11.06 -6.03 -10.39
CA PRO A 112 11.11 -4.72 -9.69
C PRO A 112 12.50 -4.13 -9.63
N LEU A 113 13.53 -4.96 -9.52
CA LEU A 113 14.89 -4.48 -9.29
C LEU A 113 15.77 -4.92 -10.45
N ILE A 114 16.73 -4.05 -10.75
CA ILE A 114 17.64 -4.26 -11.87
C ILE A 114 18.53 -5.46 -11.59
N SER A 115 18.91 -5.65 -10.32
CA SER A 115 19.83 -6.71 -9.94
C SER A 115 19.25 -8.10 -10.22
N LEU A 116 17.97 -8.30 -9.90
CA LEU A 116 17.35 -9.60 -10.16
C LEU A 116 17.33 -9.90 -11.66
N MET A 117 17.10 -8.87 -12.47
CA MET A 117 17.17 -8.99 -13.91
C MET A 117 18.57 -9.37 -14.37
N GLU A 118 19.58 -8.78 -13.75
CA GLU A 118 20.97 -9.15 -14.09
C GLU A 118 21.26 -10.60 -13.71
N ASP A 119 20.77 -11.04 -12.56
CA ASP A 119 20.97 -12.44 -12.16
C ASP A 119 20.42 -13.39 -13.20
N GLN A 120 19.15 -13.18 -13.58
CA GLN A 120 18.50 -14.05 -14.55
C GLN A 120 19.22 -13.98 -15.90
N LEU A 121 19.64 -12.79 -16.31
CA LEU A 121 20.33 -12.62 -17.58
C LEU A 121 21.65 -13.36 -17.60
N MET A 122 22.38 -13.34 -16.48
CA MET A 122 23.68 -14.05 -16.39
C MET A 122 23.44 -15.55 -16.52
N VAL A 123 22.48 -16.07 -15.77
CA VAL A 123 22.15 -17.49 -15.89
C VAL A 123 21.81 -17.86 -17.33
N LEU A 124 21.00 -17.02 -17.98
CA LEU A 124 20.52 -17.30 -19.33
C LEU A 124 21.63 -17.24 -20.37
N LYS A 125 22.55 -16.28 -20.24
CA LYS A 125 23.69 -16.22 -21.16
C LYS A 125 24.58 -17.45 -21.00
N GLN A 126 24.82 -17.87 -19.76
CA GLN A 126 25.55 -19.11 -19.53
C GLN A 126 24.86 -20.30 -20.18
N LEU A 127 23.54 -20.39 -20.00
CA LEU A 127 22.77 -21.47 -20.61
C LEU A 127 22.73 -21.38 -22.14
N GLY A 128 22.91 -20.18 -22.68
CA GLY A 128 22.86 -19.97 -24.12
C GLY A 128 21.56 -19.40 -24.65
N ILE A 129 20.62 -19.05 -23.79
CA ILE A 129 19.36 -18.45 -24.21
C ILE A 129 19.54 -16.95 -24.43
N SER A 130 18.98 -16.45 -25.53
CA SER A 130 19.09 -15.04 -25.88
C SER A 130 18.02 -14.25 -25.13
N ALA A 131 18.45 -13.38 -24.22
CA ALA A 131 17.54 -12.59 -23.42
C ALA A 131 18.13 -11.20 -23.23
N THR A 132 17.25 -10.21 -23.09
CA THR A 132 17.69 -8.83 -22.94
C THR A 132 16.91 -8.14 -21.84
N MET A 133 17.42 -6.97 -21.45
CA MET A 133 16.89 -6.19 -20.34
C MET A 133 16.81 -4.70 -20.69
N LEU A 134 15.67 -4.10 -20.32
CA LEU A 134 15.43 -2.65 -20.41
C LEU A 134 15.19 -2.08 -19.01
N ASN A 135 15.91 -1.00 -18.68
CA ASN A 135 15.77 -0.37 -17.37
C ASN A 135 15.75 1.14 -17.58
N ALA A 136 15.49 1.88 -16.49
CA ALA A 136 15.18 3.31 -16.57
C ALA A 136 16.25 4.05 -17.35
N SER A 137 17.49 4.01 -16.89
CA SER A 137 18.61 4.60 -17.61
C SER A 137 19.45 3.46 -18.19
N SER A 138 19.04 3.02 -19.35
CA SER A 138 19.74 2.09 -20.21
C SER A 138 20.18 2.91 -21.41
N SER A 139 21.23 2.45 -22.10
CA SER A 139 21.70 3.28 -23.20
C SER A 139 20.59 3.43 -24.23
N LYS A 140 20.53 4.61 -24.82
CA LYS A 140 19.45 5.02 -25.69
C LYS A 140 19.32 4.13 -26.89
N GLU A 141 20.48 3.70 -27.36
CA GLU A 141 20.58 2.82 -28.48
C GLU A 141 20.48 1.36 -28.14
N HIS A 142 20.76 0.96 -26.91
CA HIS A 142 20.33 -0.38 -26.48
C HIS A 142 18.81 -0.49 -26.55
N VAL A 143 18.11 0.56 -26.13
CA VAL A 143 16.67 0.53 -26.20
C VAL A 143 16.20 0.53 -27.65
N LYS A 144 16.87 1.29 -28.55
CA LYS A 144 16.42 1.21 -29.94
C LYS A 144 16.61 -0.22 -30.46
N TRP A 145 17.73 -0.88 -30.11
CA TRP A 145 17.92 -2.27 -30.52
C TRP A 145 16.85 -3.17 -29.95
N VAL A 146 16.46 -2.96 -28.69
CA VAL A 146 15.43 -3.80 -28.08
C VAL A 146 14.11 -3.62 -28.83
N HIS A 147 13.77 -2.38 -29.18
CA HIS A 147 12.53 -2.15 -29.92
C HIS A 147 12.55 -2.88 -31.25
N ALA A 148 13.66 -2.76 -31.99
CA ALA A 148 13.75 -3.44 -33.29
C ALA A 148 13.65 -4.95 -33.14
N GLU A 149 14.28 -5.49 -32.09
CA GLU A 149 14.19 -6.93 -31.82
C GLU A 149 12.77 -7.36 -31.50
N MET A 150 12.07 -6.55 -30.70
CA MET A 150 10.68 -6.85 -30.35
C MET A 150 9.82 -6.99 -31.59
N VAL A 151 9.90 -6.02 -32.50
CA VAL A 151 9.05 -6.09 -33.70
C VAL A 151 9.54 -7.15 -34.68
N ASN A 152 10.83 -7.48 -34.66
CA ASN A 152 11.45 -8.31 -35.68
C ASN A 152 10.76 -9.67 -35.83
N LYS A 153 10.70 -10.14 -37.08
CA LYS A 153 9.92 -11.32 -37.43
C LYS A 153 10.61 -12.61 -37.03
N ASN A 154 11.94 -12.66 -37.13
CA ASN A 154 12.69 -13.87 -36.84
C ASN A 154 13.74 -13.65 -35.75
N SER A 155 13.47 -12.73 -34.83
CA SER A 155 14.42 -12.44 -33.76
C SER A 155 14.60 -13.64 -32.85
N GLU A 156 15.85 -13.88 -32.45
CA GLU A 156 16.19 -14.95 -31.51
C GLU A 156 15.98 -14.53 -30.06
N LEU A 157 15.60 -13.27 -29.82
CA LEU A 157 15.39 -12.80 -28.45
C LEU A 157 14.27 -13.59 -27.80
N LYS A 158 14.54 -14.17 -26.64
CA LYS A 158 13.58 -15.09 -26.06
C LYS A 158 12.92 -14.60 -24.79
N LEU A 159 13.57 -13.73 -24.02
CA LEU A 159 13.03 -13.21 -22.76
C LEU A 159 13.43 -11.75 -22.62
N ILE A 160 12.45 -10.87 -22.44
CA ILE A 160 12.72 -9.45 -22.21
C ILE A 160 12.33 -9.07 -20.78
N TYR A 161 13.29 -8.53 -20.05
CA TYR A 161 13.11 -8.16 -18.65
C TYR A 161 12.97 -6.64 -18.56
N VAL A 162 11.88 -6.18 -17.97
CA VAL A 162 11.61 -4.76 -17.83
C VAL A 162 11.15 -4.47 -16.41
N THR A 163 11.35 -3.22 -16.00
CA THR A 163 10.86 -2.70 -14.74
C THR A 163 9.46 -2.15 -14.94
N PRO A 164 8.68 -2.03 -13.86
CA PRO A 164 7.27 -1.63 -14.04
C PRO A 164 7.04 -0.23 -14.61
N GLU A 165 7.98 0.71 -14.46
CA GLU A 165 7.75 1.99 -15.12
C GLU A 165 7.90 1.89 -16.65
N LYS A 166 8.68 0.96 -17.17
CA LYS A 166 8.72 0.81 -18.63
C LYS A 166 7.33 0.53 -19.19
N ILE A 167 6.52 -0.23 -18.45
CA ILE A 167 5.11 -0.45 -18.81
C ILE A 167 4.29 0.80 -18.53
N ALA A 168 4.51 1.42 -17.37
CA ALA A 168 3.60 2.48 -16.91
C ALA A 168 3.77 3.76 -17.72
N LYS A 169 5.01 4.13 -18.04
CA LYS A 169 5.34 5.46 -18.53
C LYS A 169 5.84 5.51 -19.98
N SER A 170 6.29 4.40 -20.56
CA SER A 170 6.86 4.41 -21.90
C SER A 170 5.81 4.07 -22.94
N LYS A 171 5.39 5.07 -23.72
CA LYS A 171 4.44 4.82 -24.80
C LYS A 171 5.08 4.01 -25.92
N MET A 172 6.36 4.25 -26.20
CA MET A 172 7.05 3.53 -27.27
C MET A 172 7.12 2.04 -26.97
N PHE A 173 7.51 1.69 -25.73
CA PHE A 173 7.63 0.28 -25.38
C PHE A 173 6.26 -0.41 -25.42
N MET A 174 5.19 0.28 -24.95
CA MET A 174 3.86 -0.28 -25.04
C MET A 174 3.42 -0.47 -26.48
N SER A 175 3.75 0.48 -27.34
CA SER A 175 3.41 0.35 -28.75
C SER A 175 4.09 -0.85 -29.38
N ARG A 176 5.38 -1.04 -29.08
CA ARG A 176 6.11 -2.18 -29.61
C ARG A 176 5.58 -3.48 -29.03
N LEU A 177 5.21 -3.50 -27.75
CA LEU A 177 4.58 -4.68 -27.18
C LEU A 177 3.28 -5.01 -27.88
N GLU A 178 2.48 -3.99 -28.19
CA GLU A 178 1.21 -4.20 -28.90
C GLU A 178 1.44 -4.74 -30.29
N LYS A 179 2.43 -4.19 -31.01
CA LYS A 179 2.76 -4.70 -32.33
C LYS A 179 3.22 -6.15 -32.26
N ALA A 180 4.10 -6.46 -31.30
CA ALA A 180 4.57 -7.84 -31.15
C ALA A 180 3.40 -8.77 -30.85
N TYR A 181 2.49 -8.32 -29.99
CA TYR A 181 1.33 -9.12 -29.62
C TYR A 181 0.44 -9.39 -30.83
N GLU A 182 0.20 -8.38 -31.66
CA GLU A 182 -0.62 -8.59 -32.85
C GLU A 182 0.06 -9.54 -33.83
N ALA A 183 1.39 -9.58 -33.83
CA ALA A 183 2.18 -10.46 -34.68
C ALA A 183 2.38 -11.86 -34.09
N ARG A 184 1.72 -12.18 -32.97
CA ARG A 184 1.85 -13.50 -32.32
C ARG A 184 3.28 -13.84 -31.94
N ARG A 185 4.13 -12.83 -31.73
CA ARG A 185 5.44 -13.05 -31.15
C ARG A 185 5.51 -12.80 -29.65
N PHE A 186 4.53 -12.13 -29.07
CA PHE A 186 4.47 -11.87 -27.63
C PHE A 186 3.19 -12.50 -27.11
N THR A 187 3.33 -13.61 -26.38
CA THR A 187 2.16 -14.32 -25.88
C THR A 187 2.26 -14.73 -24.42
N ARG A 188 3.36 -14.40 -23.74
CA ARG A 188 3.59 -14.83 -22.36
C ARG A 188 4.00 -13.63 -21.52
N ILE A 189 3.40 -13.49 -20.34
CA ILE A 189 3.76 -12.46 -19.37
C ILE A 189 4.12 -13.15 -18.06
N ALA A 190 5.26 -12.76 -17.49
CA ALA A 190 5.69 -13.21 -16.17
C ALA A 190 5.86 -12.00 -15.27
N VAL A 191 5.20 -12.01 -14.14
CA VAL A 191 5.27 -10.94 -13.15
C VAL A 191 5.99 -11.49 -11.93
N ASP A 192 7.24 -11.05 -11.76
CA ASP A 192 8.04 -11.40 -10.61
C ASP A 192 7.64 -10.54 -9.42
N GLU A 193 7.75 -11.10 -8.22
CA GLU A 193 7.39 -10.41 -6.99
C GLU A 193 5.96 -9.89 -7.08
N VAL A 194 5.04 -10.82 -7.34
CA VAL A 194 3.63 -10.41 -7.49
C VAL A 194 3.09 -9.87 -6.17
N HIS A 195 3.68 -10.29 -5.05
CA HIS A 195 3.26 -9.80 -3.73
C HIS A 195 3.47 -8.30 -3.59
N CYS A 196 4.26 -7.68 -4.49
CA CYS A 196 4.45 -6.25 -4.47
C CYS A 196 3.19 -5.47 -4.81
N CYS A 197 2.14 -6.15 -5.29
CA CYS A 197 0.88 -5.45 -5.54
C CYS A 197 0.23 -4.98 -4.24
N SER A 198 0.27 -5.80 -3.20
CA SER A 198 -0.49 -5.55 -1.97
C SER A 198 0.30 -4.74 -0.93
N GLN A 199 -0.41 -3.86 -0.22
CA GLN A 199 0.22 -3.18 0.92
C GLN A 199 0.56 -4.18 2.02
N TRP A 200 -0.25 -5.23 2.17
CA TRP A 200 -0.03 -6.24 3.18
C TRP A 200 1.17 -7.14 2.90
N GLY A 201 1.70 -7.15 1.68
CA GLY A 201 2.97 -7.81 1.45
C GLY A 201 4.12 -7.04 2.06
N HIS A 202 5.23 -7.72 2.33
CA HIS A 202 6.38 -7.04 2.93
C HIS A 202 6.82 -5.87 2.06
N ASP A 203 6.95 -6.11 0.76
CA ASP A 203 7.31 -5.07 -0.18
C ASP A 203 6.08 -4.73 -1.01
N PHE A 204 5.86 -3.42 -1.21
CA PHE A 204 4.77 -2.89 -2.01
C PHE A 204 5.37 -1.89 -2.97
N ARG A 205 5.05 -2.03 -4.26
CA ARG A 205 5.53 -1.07 -5.24
C ARG A 205 4.34 -0.37 -5.86
N PRO A 206 4.24 0.95 -5.75
CA PRO A 206 3.15 1.68 -6.42
C PRO A 206 3.12 1.43 -7.91
N ASP A 207 4.28 1.29 -8.57
CA ASP A 207 4.30 0.99 -9.99
C ASP A 207 3.37 -0.17 -10.32
N TYR A 208 3.34 -1.16 -9.42
CA TYR A 208 2.58 -2.38 -9.66
C TYR A 208 1.09 -2.13 -9.93
N LYS A 209 0.52 -1.03 -9.41
CA LYS A 209 -0.91 -0.84 -9.67
C LYS A 209 -1.20 -0.53 -11.13
N ALA A 210 -0.17 -0.32 -11.96
CA ALA A 210 -0.42 -0.21 -13.39
C ALA A 210 -0.52 -1.56 -14.09
N LEU A 211 0.11 -2.60 -13.53
CA LEU A 211 0.39 -3.81 -14.31
C LEU A 211 -0.88 -4.47 -14.87
N GLY A 212 -2.04 -4.18 -14.30
CA GLY A 212 -3.27 -4.74 -14.83
C GLY A 212 -3.46 -4.48 -16.32
N ILE A 213 -2.96 -3.34 -16.81
CA ILE A 213 -3.10 -2.99 -18.23
C ILE A 213 -2.68 -4.17 -19.10
N LEU A 214 -1.65 -4.92 -18.66
CA LEU A 214 -1.15 -6.04 -19.44
C LEU A 214 -2.29 -6.98 -19.82
N LYS A 215 -2.98 -7.53 -18.82
CA LYS A 215 -4.05 -8.47 -19.13
C LYS A 215 -5.14 -7.80 -19.95
N ARG A 216 -5.36 -6.50 -19.73
CA ARG A 216 -6.39 -5.80 -20.48
C ARG A 216 -5.95 -5.61 -21.93
N GLN A 217 -4.67 -5.32 -22.16
CA GLN A 217 -4.23 -5.03 -23.52
C GLN A 217 -3.86 -6.26 -24.31
N PHE A 218 -3.44 -7.32 -23.64
CA PHE A 218 -3.00 -8.56 -24.29
C PHE A 218 -3.72 -9.72 -23.63
N PRO A 219 -5.03 -9.82 -23.82
CA PRO A 219 -5.81 -10.89 -23.16
C PRO A 219 -5.37 -12.28 -23.56
N ASN A 220 -4.87 -12.46 -24.78
CA ASN A 220 -4.45 -13.78 -25.24
C ASN A 220 -3.07 -14.17 -24.72
N ALA A 221 -2.38 -13.26 -24.06
CA ALA A 221 -1.11 -13.59 -23.43
C ALA A 221 -1.37 -14.17 -22.04
N SER A 222 -0.80 -15.34 -21.76
CA SER A 222 -0.99 -15.97 -20.47
C SER A 222 -0.08 -15.34 -19.43
N LEU A 223 -0.60 -15.12 -18.22
CA LEU A 223 0.14 -14.45 -17.16
C LEU A 223 0.46 -15.42 -16.03
N ILE A 224 1.71 -15.37 -15.57
CA ILE A 224 2.17 -16.11 -14.40
C ILE A 224 2.75 -15.12 -13.39
N GLY A 225 2.33 -15.24 -12.13
CA GLY A 225 2.87 -14.46 -11.04
C GLY A 225 3.72 -15.35 -10.15
N LEU A 226 4.91 -14.85 -9.80
CA LEU A 226 5.88 -15.61 -9.02
C LEU A 226 6.18 -14.90 -7.72
N THR A 227 6.11 -15.63 -6.60
CA THR A 227 6.48 -15.02 -5.33
C THR A 227 6.99 -16.09 -4.38
N ALA A 228 7.96 -15.70 -3.55
CA ALA A 228 8.41 -16.62 -2.50
C ALA A 228 7.45 -16.62 -1.33
N THR A 229 6.97 -15.44 -0.90
CA THR A 229 6.12 -15.31 0.27
C THR A 229 4.85 -14.56 -0.08
N ALA A 230 3.69 -15.14 0.25
CA ALA A 230 2.41 -14.52 -0.04
C ALA A 230 1.32 -15.17 0.81
N THR A 231 0.26 -14.40 1.07
CA THR A 231 -0.89 -14.86 1.82
C THR A 231 -2.09 -14.96 0.87
N ASN A 232 -3.21 -15.48 1.38
CA ASN A 232 -4.45 -15.42 0.60
C ASN A 232 -4.81 -13.98 0.30
N HIS A 233 -4.67 -13.10 1.30
CA HIS A 233 -5.02 -11.70 1.11
C HIS A 233 -4.10 -11.05 0.09
N VAL A 234 -2.80 -11.34 0.17
CA VAL A 234 -1.84 -10.75 -0.76
C VAL A 234 -2.09 -11.27 -2.18
N LEU A 235 -2.35 -12.57 -2.32
CA LEU A 235 -2.57 -13.12 -3.65
C LEU A 235 -3.89 -12.62 -4.24
N THR A 236 -4.94 -12.51 -3.42
CA THR A 236 -6.19 -11.96 -3.92
C THR A 236 -6.03 -10.49 -4.31
N ASP A 237 -5.27 -9.72 -3.52
CA ASP A 237 -5.00 -8.34 -3.93
C ASP A 237 -4.29 -8.31 -5.27
N ALA A 238 -3.23 -9.11 -5.42
CA ALA A 238 -2.47 -9.11 -6.67
C ALA A 238 -3.35 -9.51 -7.85
N GLN A 239 -4.23 -10.49 -7.63
CA GLN A 239 -5.18 -10.87 -8.67
C GLN A 239 -6.11 -9.71 -9.02
N LYS A 240 -6.53 -8.93 -8.01
CA LYS A 240 -7.34 -7.74 -8.28
C LYS A 240 -6.56 -6.73 -9.12
N ILE A 241 -5.33 -6.40 -8.71
CA ILE A 241 -4.54 -5.41 -9.43
C ILE A 241 -4.26 -5.86 -10.85
N LEU A 242 -3.91 -7.14 -11.02
CA LEU A 242 -3.53 -7.65 -12.33
C LEU A 242 -4.71 -7.90 -13.25
N CYS A 243 -5.94 -7.64 -12.81
CA CYS A 243 -7.14 -7.81 -13.63
C CYS A 243 -7.25 -9.23 -14.18
N ILE A 244 -7.12 -10.21 -13.29
CA ILE A 244 -7.21 -11.63 -13.64
C ILE A 244 -8.51 -12.20 -13.09
N GLU A 245 -9.26 -12.92 -13.94
CA GLU A 245 -10.55 -13.48 -13.52
C GLU A 245 -10.38 -14.76 -12.71
N LYS A 246 -9.83 -15.79 -13.34
CA LYS A 246 -9.66 -17.10 -12.69
C LYS A 246 -8.17 -17.40 -12.69
N CYS A 247 -7.66 -17.79 -11.53
CA CYS A 247 -6.23 -17.96 -11.35
C CYS A 247 -6.00 -19.25 -10.59
N PHE A 248 -5.19 -20.14 -11.16
CA PHE A 248 -4.71 -21.29 -10.43
C PHE A 248 -3.70 -20.79 -9.40
N THR A 249 -3.68 -21.40 -8.22
CA THR A 249 -2.77 -20.97 -7.16
C THR A 249 -2.04 -22.20 -6.63
N PHE A 250 -0.75 -22.32 -6.96
CA PHE A 250 0.08 -23.44 -6.55
C PHE A 250 1.09 -23.00 -5.49
N THR A 251 1.06 -23.66 -4.34
CA THR A 251 1.96 -23.37 -3.23
C THR A 251 2.86 -24.56 -2.96
N ALA A 252 4.17 -24.33 -3.07
CA ALA A 252 5.15 -25.36 -2.82
C ALA A 252 5.31 -25.64 -1.33
N SER A 253 5.84 -26.81 -1.02
CA SER A 253 6.09 -27.17 0.36
C SER A 253 7.25 -26.37 0.92
N PHE A 254 7.14 -26.03 2.21
CA PHE A 254 8.25 -25.38 2.89
C PHE A 254 9.43 -26.31 3.01
N ASN A 255 9.19 -27.61 2.95
CA ASN A 255 10.15 -28.60 3.43
C ASN A 255 11.38 -28.62 2.55
N ARG A 256 12.53 -28.67 3.21
CA ARG A 256 13.82 -28.92 2.56
C ARG A 256 14.41 -30.14 3.24
N PRO A 257 14.25 -31.33 2.66
CA PRO A 257 14.59 -32.57 3.38
C PRO A 257 16.06 -32.67 3.79
N ASN A 258 16.98 -32.04 3.04
CA ASN A 258 18.39 -32.17 3.34
C ASN A 258 18.84 -31.34 4.54
N LEU A 259 17.99 -30.47 5.07
CA LEU A 259 18.39 -29.54 6.12
C LEU A 259 18.18 -30.16 7.50
N TYR A 260 19.22 -30.06 8.33
CA TYR A 260 19.19 -30.49 9.71
C TYR A 260 19.00 -29.27 10.61
N TYR A 261 17.91 -29.25 11.36
CA TYR A 261 17.53 -28.10 12.18
C TYR A 261 17.86 -28.36 13.64
N GLU A 262 18.58 -27.44 14.27
CA GLU A 262 19.01 -27.59 15.66
C GLU A 262 18.91 -26.24 16.37
N VAL A 263 18.59 -26.28 17.68
CA VAL A 263 18.59 -25.09 18.52
C VAL A 263 19.48 -25.35 19.74
N ARG A 264 20.46 -24.50 19.96
CA ARG A 264 21.44 -24.63 21.03
C ARG A 264 21.38 -23.42 21.96
N GLN A 265 21.87 -23.62 23.19
CA GLN A 265 21.90 -22.54 24.16
C GLN A 265 22.95 -21.50 23.79
N LYS A 266 22.55 -20.24 23.75
CA LYS A 266 23.51 -19.19 23.46
C LYS A 266 24.35 -18.96 24.71
N PRO A 267 25.66 -19.14 24.64
CA PRO A 267 26.49 -18.97 25.84
C PRO A 267 26.44 -17.55 26.39
N SER A 268 26.52 -17.47 27.72
CA SER A 268 26.60 -16.17 28.39
C SER A 268 27.88 -15.44 28.05
N ASN A 269 28.99 -16.17 27.96
CA ASN A 269 30.29 -15.57 27.68
C ASN A 269 30.43 -15.41 26.17
N THR A 270 30.69 -14.17 25.72
CA THR A 270 30.80 -13.94 24.27
C THR A 270 32.02 -14.65 23.69
N GLU A 271 33.14 -14.64 24.40
CA GLU A 271 34.35 -15.28 23.88
C GLU A 271 34.19 -16.80 23.85
N ASP A 272 33.48 -17.36 24.85
CA ASP A 272 33.17 -18.78 24.84
C ASP A 272 32.29 -19.14 23.64
N PHE A 273 31.33 -18.28 23.32
CA PHE A 273 30.50 -18.47 22.15
C PHE A 273 31.33 -18.45 20.86
N ILE A 274 32.24 -17.49 20.75
CA ILE A 274 33.10 -17.42 19.56
C ILE A 274 33.95 -18.68 19.44
N GLU A 275 34.49 -19.17 20.55
CA GLU A 275 35.27 -20.40 20.51
C GLU A 275 34.42 -21.59 20.08
N ASP A 276 33.18 -21.69 20.58
CA ASP A 276 32.32 -22.80 20.16
C ASP A 276 32.08 -22.76 18.66
N ILE A 277 31.87 -21.56 18.13
CA ILE A 277 31.68 -21.40 16.69
C ILE A 277 32.92 -21.83 15.92
N VAL A 278 34.11 -21.44 16.41
CA VAL A 278 35.35 -21.82 15.74
C VAL A 278 35.54 -23.33 15.81
N LYS A 279 35.14 -23.95 16.91
CA LYS A 279 35.21 -25.41 17.03
C LYS A 279 34.33 -26.08 15.99
N LEU A 280 33.13 -25.52 15.76
CA LEU A 280 32.28 -26.07 14.71
C LEU A 280 32.94 -25.92 13.33
N ILE A 281 33.44 -24.72 13.03
CA ILE A 281 33.92 -24.43 11.68
C ILE A 281 35.17 -25.24 11.37
N ASN A 282 36.14 -25.25 12.29
CA ASN A 282 37.33 -26.07 12.10
C ASN A 282 37.03 -27.54 12.27
N GLY A 283 35.85 -27.90 12.76
CA GLY A 283 35.50 -29.27 13.00
C GLY A 283 34.66 -29.83 11.86
N ARG A 284 33.34 -29.86 12.05
CA ARG A 284 32.45 -30.40 11.03
C ARG A 284 32.62 -29.71 9.68
N TYR A 285 32.79 -28.39 9.69
CA TYR A 285 32.71 -27.59 8.46
C TYR A 285 34.07 -27.08 7.99
N LYS A 286 35.12 -27.88 8.19
CA LYS A 286 36.45 -27.44 7.76
C LYS A 286 36.46 -27.31 6.25
N GLY A 287 36.80 -26.12 5.75
CA GLY A 287 36.84 -25.85 4.33
C GLY A 287 35.50 -25.67 3.64
N GLN A 288 34.39 -25.66 4.40
CA GLN A 288 33.06 -25.55 3.82
C GLN A 288 32.50 -24.13 4.00
N SER A 289 31.86 -23.62 2.96
CA SER A 289 31.32 -22.26 2.99
C SER A 289 30.09 -22.20 3.91
N GLY A 290 29.88 -21.03 4.51
CA GLY A 290 28.75 -20.85 5.42
C GLY A 290 28.42 -19.41 5.70
N ILE A 291 27.27 -19.26 6.37
CA ILE A 291 26.74 -17.96 6.76
C ILE A 291 26.49 -17.97 8.26
N ILE A 292 26.85 -16.88 8.93
CA ILE A 292 26.51 -16.67 10.33
C ILE A 292 25.63 -15.44 10.37
N TYR A 293 24.37 -15.61 10.75
CA TYR A 293 23.44 -14.49 10.78
C TYR A 293 23.50 -13.83 12.14
N CYS A 294 23.58 -12.51 12.14
CA CYS A 294 23.76 -11.73 13.36
C CYS A 294 22.64 -10.70 13.46
N PHE A 295 22.32 -10.35 14.71
CA PHE A 295 21.22 -9.42 14.97
C PHE A 295 21.56 -8.00 14.53
N SER A 296 22.77 -7.54 14.79
CA SER A 296 23.10 -6.14 14.62
C SER A 296 24.38 -5.99 13.82
N GLN A 297 24.56 -4.80 13.23
CA GLN A 297 25.75 -4.52 12.43
C GLN A 297 27.00 -4.62 13.29
N LYS A 298 26.95 -4.07 14.50
CA LYS A 298 28.07 -4.20 15.41
C LYS A 298 28.31 -5.66 15.76
N ASP A 299 27.24 -6.44 15.91
CA ASP A 299 27.41 -7.87 16.16
C ASP A 299 28.15 -8.53 15.00
N SER A 300 27.78 -8.21 13.77
CA SER A 300 28.44 -8.81 12.62
C SER A 300 29.92 -8.42 12.58
N GLU A 301 30.22 -7.14 12.82
CA GLU A 301 31.61 -6.69 12.76
C GLU A 301 32.45 -7.34 13.85
N GLN A 302 31.92 -7.36 15.09
CA GLN A 302 32.66 -7.95 16.20
C GLN A 302 32.87 -9.44 16.01
N VAL A 303 31.83 -10.15 15.56
CA VAL A 303 31.97 -11.59 15.36
C VAL A 303 32.97 -11.88 14.26
N THR A 304 32.93 -11.10 13.18
CA THR A 304 33.91 -11.25 12.12
C THR A 304 35.32 -10.99 12.62
N VAL A 305 35.49 -9.95 13.43
CA VAL A 305 36.82 -9.61 13.96
C VAL A 305 37.34 -10.76 14.82
N SER A 306 36.48 -11.30 15.68
CA SER A 306 36.90 -12.40 16.55
C SER A 306 37.27 -13.63 15.73
N LEU A 307 36.48 -13.96 14.71
CA LEU A 307 36.82 -15.11 13.87
C LEU A 307 38.11 -14.87 13.10
N GLN A 308 38.31 -13.65 12.60
CA GLN A 308 39.55 -13.35 11.87
C GLN A 308 40.76 -13.52 12.78
N ASN A 309 40.67 -13.01 14.01
CA ASN A 309 41.78 -13.13 14.94
C ASN A 309 42.04 -14.57 15.35
N LEU A 310 41.07 -15.46 15.16
CA LEU A 310 41.25 -16.89 15.45
C LEU A 310 41.56 -17.71 14.21
N GLY A 311 41.89 -17.07 13.09
CA GLY A 311 42.34 -17.79 11.92
C GLY A 311 41.28 -18.19 10.92
N ILE A 312 40.05 -17.72 11.08
CA ILE A 312 38.95 -18.04 10.18
C ILE A 312 38.85 -16.93 9.16
N HIS A 313 38.72 -17.30 7.88
CA HIS A 313 38.52 -16.31 6.82
C HIS A 313 37.06 -15.94 6.78
N ALA A 314 36.71 -14.87 7.48
CA ALA A 314 35.33 -14.45 7.60
C ALA A 314 35.21 -13.00 7.15
N GLY A 315 34.03 -12.66 6.64
CA GLY A 315 33.78 -11.31 6.19
C GLY A 315 32.43 -10.80 6.64
N ALA A 316 32.37 -9.55 7.09
CA ALA A 316 31.14 -8.99 7.62
C ALA A 316 30.32 -8.34 6.51
N TYR A 317 29.00 -8.47 6.63
CA TYR A 317 28.07 -7.93 5.64
C TYR A 317 26.89 -7.29 6.37
N HIS A 318 26.70 -5.99 6.14
CA HIS A 318 25.51 -5.30 6.65
C HIS A 318 25.29 -4.06 5.79
N ALA A 319 24.16 -3.40 6.02
CA ALA A 319 23.73 -2.31 5.15
C ALA A 319 24.62 -1.08 5.25
N ASN A 320 25.19 -0.80 6.42
CA ASN A 320 26.02 0.39 6.58
C ASN A 320 27.34 0.30 5.84
N LEU A 321 27.67 -0.87 5.30
CA LEU A 321 28.85 -1.02 4.47
C LEU A 321 28.67 -0.29 3.14
N GLU A 322 29.79 0.15 2.57
CA GLU A 322 29.75 0.73 1.24
C GLU A 322 29.38 -0.33 0.20
N PRO A 323 28.68 0.05 -0.87
CA PRO A 323 28.30 -0.96 -1.87
C PRO A 323 29.48 -1.70 -2.47
N GLU A 324 30.61 -1.02 -2.68
CA GLU A 324 31.81 -1.71 -3.15
C GLU A 324 32.27 -2.77 -2.16
N ASP A 325 32.31 -2.40 -0.87
CA ASP A 325 32.63 -3.37 0.17
C ASP A 325 31.67 -4.56 0.15
N LYS A 326 30.37 -4.30 0.03
CA LYS A 326 29.38 -5.37 -0.05
C LYS A 326 29.67 -6.31 -1.21
N THR A 327 29.87 -5.75 -2.41
CA THR A 327 30.12 -6.57 -3.58
C THR A 327 31.42 -7.36 -3.44
N THR A 328 32.46 -6.73 -2.87
CA THR A 328 33.73 -7.42 -2.67
C THR A 328 33.55 -8.61 -1.74
N VAL A 329 32.83 -8.42 -0.63
CA VAL A 329 32.62 -9.51 0.30
C VAL A 329 31.84 -10.64 -0.36
N HIS A 330 30.78 -10.30 -1.10
CA HIS A 330 30.00 -11.34 -1.78
C HIS A 330 30.86 -12.10 -2.78
N ARG A 331 31.67 -11.37 -3.57
CA ARG A 331 32.51 -12.01 -4.57
C ARG A 331 33.55 -12.92 -3.93
N LYS A 332 34.20 -12.46 -2.86
CA LYS A 332 35.20 -13.30 -2.20
C LYS A 332 34.56 -14.54 -1.59
N TRP A 333 33.36 -14.40 -1.01
CA TRP A 333 32.69 -15.58 -0.44
C TRP A 333 32.30 -16.56 -1.53
N SER A 334 31.73 -16.07 -2.63
CA SER A 334 31.31 -16.96 -3.71
C SER A 334 32.49 -17.69 -4.33
N ALA A 335 33.62 -16.99 -4.48
CA ALA A 335 34.84 -17.62 -4.97
C ALA A 335 35.51 -18.52 -3.93
N ASN A 336 34.95 -18.62 -2.72
CA ASN A 336 35.48 -19.44 -1.63
C ASN A 336 36.80 -18.92 -1.08
N GLU A 337 37.18 -17.68 -1.41
CA GLU A 337 38.31 -17.06 -0.76
C GLU A 337 37.98 -16.77 0.70
N ILE A 338 36.71 -16.48 0.96
CA ILE A 338 36.18 -16.29 2.30
C ILE A 338 35.31 -17.50 2.64
N GLN A 339 35.62 -18.17 3.74
CA GLN A 339 34.84 -19.34 4.09
C GLN A 339 33.48 -18.94 4.68
N VAL A 340 33.46 -17.93 5.55
CA VAL A 340 32.28 -17.57 6.32
C VAL A 340 31.89 -16.13 6.04
N VAL A 341 30.60 -15.90 5.80
CA VAL A 341 30.08 -14.54 5.69
C VAL A 341 29.22 -14.30 6.92
N VAL A 342 29.65 -13.36 7.76
CA VAL A 342 28.96 -12.98 8.99
C VAL A 342 28.07 -11.80 8.63
N ALA A 343 26.75 -12.01 8.68
CA ALA A 343 25.82 -11.13 8.01
C ALA A 343 24.60 -10.82 8.87
N THR A 344 24.02 -9.65 8.62
CA THR A 344 22.69 -9.32 9.09
C THR A 344 21.70 -9.73 8.01
N VAL A 345 20.44 -9.29 8.13
CA VAL A 345 19.45 -9.58 7.10
C VAL A 345 19.75 -8.87 5.80
N ALA A 346 20.71 -7.93 5.78
CA ALA A 346 21.07 -7.25 4.54
C ALA A 346 21.54 -8.24 3.49
N PHE A 347 22.35 -9.21 3.90
CA PHE A 347 22.70 -10.32 3.02
C PHE A 347 21.43 -11.07 2.61
N GLY A 348 21.34 -11.40 1.33
CA GLY A 348 20.10 -11.88 0.77
C GLY A 348 19.92 -11.47 -0.67
N MET A 349 20.82 -10.60 -1.16
CA MET A 349 20.82 -10.22 -2.57
C MET A 349 21.20 -11.44 -3.41
N GLY A 350 20.23 -11.99 -4.12
CA GLY A 350 20.54 -13.03 -5.10
C GLY A 350 21.38 -14.14 -4.54
N ILE A 351 21.06 -14.61 -3.33
CA ILE A 351 21.88 -15.66 -2.76
C ILE A 351 21.57 -16.93 -3.52
N ASP A 352 22.50 -17.32 -4.39
CA ASP A 352 22.39 -18.50 -5.23
C ASP A 352 23.50 -19.49 -4.94
N LYS A 353 24.27 -19.29 -3.87
CA LYS A 353 25.36 -20.18 -3.55
C LYS A 353 24.80 -21.55 -3.19
N PRO A 354 25.12 -22.61 -3.92
CA PRO A 354 24.50 -23.91 -3.66
C PRO A 354 25.20 -24.75 -2.61
N ASP A 355 26.46 -24.43 -2.29
CA ASP A 355 27.27 -25.26 -1.40
C ASP A 355 27.47 -24.64 -0.02
N VAL A 356 26.43 -23.99 0.51
CA VAL A 356 26.47 -23.44 1.87
C VAL A 356 26.15 -24.59 2.82
N ARG A 357 27.17 -25.12 3.49
CA ARG A 357 26.99 -26.32 4.30
C ARG A 357 26.39 -26.04 5.67
N PHE A 358 26.55 -24.84 6.19
CA PHE A 358 26.02 -24.49 7.49
C PHE A 358 25.51 -23.07 7.51
N VAL A 359 24.38 -22.86 8.16
CA VAL A 359 23.90 -21.52 8.49
C VAL A 359 23.70 -21.48 10.00
N ILE A 360 24.45 -20.59 10.66
CA ILE A 360 24.43 -20.45 12.11
C ILE A 360 23.79 -19.10 12.44
N HIS A 361 22.87 -19.11 13.38
CA HIS A 361 22.23 -17.90 13.87
C HIS A 361 22.88 -17.53 15.19
N HIS A 362 23.75 -16.51 15.14
CA HIS A 362 24.33 -15.97 16.36
C HIS A 362 23.25 -15.45 17.28
N SER A 363 22.17 -14.91 16.71
CA SER A 363 20.98 -14.54 17.46
C SER A 363 19.74 -15.02 16.69
N MET A 364 18.66 -15.28 17.43
CA MET A 364 17.44 -15.74 16.79
C MET A 364 16.90 -14.65 15.86
N SER A 365 16.24 -15.09 14.80
CA SER A 365 15.58 -14.17 13.90
C SER A 365 14.34 -13.59 14.59
N LYS A 366 13.78 -12.52 14.02
CA LYS A 366 12.62 -11.85 14.59
C LYS A 366 11.31 -12.58 14.33
N SER A 367 11.29 -13.59 13.45
CA SER A 367 10.04 -14.26 13.11
C SER A 367 10.38 -15.62 12.54
N MET A 368 9.36 -16.50 12.47
CA MET A 368 9.53 -17.79 11.80
C MET A 368 9.81 -17.59 10.31
N GLU A 369 9.12 -16.64 9.67
CA GLU A 369 9.42 -16.34 8.28
C GLU A 369 10.89 -16.01 8.05
N ASN A 370 11.41 -15.08 8.84
CA ASN A 370 12.78 -14.66 8.60
C ASN A 370 13.72 -15.84 8.87
N TYR A 371 13.48 -16.60 9.95
CA TYR A 371 14.39 -17.72 10.21
C TYR A 371 14.32 -18.75 9.10
N TYR A 372 13.12 -19.03 8.59
CA TYR A 372 13.02 -19.97 7.48
C TYR A 372 13.78 -19.48 6.27
N GLN A 373 13.60 -18.21 5.88
CA GLN A 373 14.30 -17.71 4.69
C GLN A 373 15.81 -17.70 4.91
N GLU A 374 16.27 -17.26 6.09
CA GLU A 374 17.71 -17.16 6.34
C GLU A 374 18.37 -18.53 6.43
N SER A 375 17.74 -19.48 7.13
CA SER A 375 18.31 -20.82 7.20
C SER A 375 18.28 -21.49 5.83
N GLY A 376 17.26 -21.22 5.03
CA GLY A 376 17.11 -21.91 3.75
C GLY A 376 18.18 -21.61 2.72
N ARG A 377 19.06 -20.65 2.96
CA ARG A 377 20.17 -20.41 2.05
C ARG A 377 21.18 -21.55 2.08
N ALA A 378 21.14 -22.40 3.10
CA ALA A 378 22.00 -23.56 3.18
C ALA A 378 21.46 -24.69 2.31
N GLY A 379 22.38 -25.46 1.75
CA GLY A 379 22.03 -26.68 1.03
C GLY A 379 21.14 -26.49 -0.18
N ARG A 380 21.41 -25.44 -0.98
CA ARG A 380 20.67 -25.27 -2.22
C ARG A 380 21.00 -26.37 -3.21
N ASP A 381 22.12 -27.06 -3.01
CA ASP A 381 22.53 -28.16 -3.87
C ASP A 381 21.77 -29.45 -3.55
N ASP A 382 20.85 -29.40 -2.58
CA ASP A 382 20.00 -30.49 -2.14
C ASP A 382 20.75 -31.56 -1.38
N MET A 383 22.06 -31.38 -1.18
CA MET A 383 22.80 -32.23 -0.26
C MET A 383 22.65 -31.76 1.19
N LYS A 384 23.17 -32.58 2.12
CA LYS A 384 22.95 -32.30 3.54
C LYS A 384 23.62 -30.99 3.93
N ALA A 385 22.93 -30.25 4.79
CA ALA A 385 23.43 -29.00 5.37
C ALA A 385 22.80 -28.82 6.74
N ASP A 386 23.45 -28.01 7.58
CA ASP A 386 23.00 -27.83 8.96
C ASP A 386 22.55 -26.40 9.20
N CYS A 387 21.44 -26.23 9.92
CA CYS A 387 20.96 -24.93 10.34
C CYS A 387 20.92 -24.91 11.87
N ILE A 388 21.85 -24.20 12.48
CA ILE A 388 22.06 -24.20 13.91
C ILE A 388 21.76 -22.81 14.47
N LEU A 389 20.86 -22.76 15.45
CA LEU A 389 20.37 -21.51 16.02
C LEU A 389 20.77 -21.40 17.48
N TYR A 390 21.21 -20.22 17.91
CA TYR A 390 21.61 -20.02 19.29
C TYR A 390 20.60 -19.15 20.01
N TYR A 391 20.00 -19.73 21.05
CA TYR A 391 18.87 -19.12 21.76
C TYR A 391 19.38 -18.45 23.03
N GLY A 392 19.19 -17.15 23.13
CA GLY A 392 19.62 -16.39 24.28
C GLY A 392 18.48 -15.59 24.86
N PHE A 393 18.42 -15.54 26.19
CA PHE A 393 17.33 -14.83 26.87
C PHE A 393 17.27 -13.36 26.45
N GLY A 394 18.42 -12.69 26.39
CA GLY A 394 18.45 -11.25 26.09
C GLY A 394 18.13 -10.90 24.65
N ASP A 395 18.34 -11.84 23.72
CA ASP A 395 18.00 -11.56 22.32
C ASP A 395 16.51 -11.32 22.17
N ILE A 396 15.68 -11.94 23.02
CA ILE A 396 14.23 -11.71 22.94
C ILE A 396 13.94 -10.23 23.09
N PHE A 397 14.53 -9.60 24.10
CA PHE A 397 14.23 -8.21 24.40
C PHE A 397 14.95 -7.25 23.45
N ARG A 398 16.13 -7.63 22.95
CA ARG A 398 16.73 -6.83 21.90
C ARG A 398 15.78 -6.74 20.71
N ILE A 399 15.29 -7.88 20.26
CA ILE A 399 14.41 -7.92 19.09
C ILE A 399 13.04 -7.30 19.40
N SER A 400 12.52 -7.48 20.62
CA SER A 400 11.20 -6.91 20.96
C SER A 400 11.21 -5.38 20.96
N SER A 401 12.24 -4.79 21.58
CA SER A 401 12.39 -3.34 21.55
C SER A 401 12.56 -2.93 20.11
N MET A 402 13.25 -3.77 19.35
CA MET A 402 13.46 -3.53 17.93
C MET A 402 12.18 -3.48 17.13
N VAL A 403 11.27 -4.42 17.36
CA VAL A 403 10.13 -4.52 16.47
C VAL A 403 8.95 -3.75 17.03
N VAL A 404 9.18 -2.94 18.07
CA VAL A 404 8.09 -2.18 18.67
C VAL A 404 7.23 -1.38 17.67
N MET A 405 7.76 -1.01 16.51
CA MET A 405 6.93 -0.25 15.57
C MET A 405 6.03 -1.16 14.73
N GLU A 406 6.41 -2.43 14.55
CA GLU A 406 5.59 -3.36 13.78
C GLU A 406 4.41 -3.82 14.61
N ASN A 407 3.22 -3.77 14.02
CA ASN A 407 2.00 -4.03 14.76
C ASN A 407 1.96 -5.47 15.26
N VAL A 408 2.50 -6.41 14.49
CA VAL A 408 2.59 -7.82 14.86
C VAL A 408 4.02 -8.24 15.19
N GLY A 409 4.94 -7.28 15.38
CA GLY A 409 6.32 -7.65 15.61
C GLY A 409 6.50 -8.50 16.86
N GLN A 410 5.83 -8.10 17.95
CA GLN A 410 5.91 -8.88 19.18
C GLN A 410 5.34 -10.28 18.98
N GLN A 411 4.27 -10.39 18.19
CA GLN A 411 3.61 -11.68 17.98
C GLN A 411 4.51 -12.67 17.26
N LYS A 412 5.09 -12.24 16.14
CA LYS A 412 5.98 -13.12 15.38
C LYS A 412 7.27 -13.37 16.14
N LEU A 413 7.74 -12.39 16.92
CA LEU A 413 8.89 -12.65 17.78
C LEU A 413 8.57 -13.72 18.81
N TYR A 414 7.38 -13.67 19.42
CA TYR A 414 7.04 -14.66 20.44
C TYR A 414 6.85 -16.04 19.82
N GLU A 415 6.35 -16.10 18.58
CA GLU A 415 6.30 -17.38 17.87
C GLU A 415 7.70 -17.95 17.69
N MET A 416 8.66 -17.10 17.31
CA MET A 416 10.06 -17.52 17.23
C MET A 416 10.54 -18.03 18.59
N VAL A 417 10.22 -17.30 19.65
CA VAL A 417 10.62 -17.67 21.00
C VAL A 417 10.07 -19.05 21.35
N SER A 418 8.79 -19.29 21.05
CA SER A 418 8.19 -20.58 21.36
C SER A 418 8.89 -21.70 20.59
N TYR A 419 9.22 -21.46 19.32
CA TYR A 419 10.00 -22.44 18.57
C TYR A 419 11.29 -22.75 19.31
N CYS A 420 11.96 -21.71 19.82
CA CYS A 420 13.22 -21.92 20.52
C CYS A 420 13.01 -22.70 21.82
N GLN A 421 11.92 -22.41 22.54
CA GLN A 421 11.68 -23.03 23.84
C GLN A 421 11.36 -24.51 23.73
N ASN A 422 10.89 -24.95 22.57
CA ASN A 422 10.42 -26.33 22.43
C ASN A 422 11.58 -27.33 22.45
N ILE A 423 11.45 -28.38 23.25
CA ILE A 423 12.48 -29.40 23.38
C ILE A 423 11.98 -30.79 22.99
N SER A 424 10.70 -30.93 22.66
CA SER A 424 10.09 -32.21 22.28
C SER A 424 9.70 -32.22 20.81
N LYS A 425 8.96 -31.22 20.35
CA LYS A 425 8.39 -31.24 18.98
C LYS A 425 9.49 -31.08 17.92
N CYS A 426 9.21 -31.72 16.80
CA CYS A 426 10.04 -31.69 15.63
C CYS A 426 10.04 -30.29 15.04
N ARG A 427 11.21 -29.86 14.58
CA ARG A 427 11.29 -28.53 13.99
C ARG A 427 10.40 -28.42 12.75
N ARG A 428 10.38 -29.46 11.92
CA ARG A 428 9.53 -29.44 10.73
C ARG A 428 8.05 -29.36 11.06
N VAL A 429 7.63 -30.00 12.16
CA VAL A 429 6.23 -29.92 12.57
C VAL A 429 5.86 -28.49 12.96
N LEU A 430 6.73 -27.83 13.72
CA LEU A 430 6.50 -26.43 14.09
C LEU A 430 6.46 -25.52 12.87
N MET A 431 7.40 -25.72 11.93
CA MET A 431 7.37 -24.92 10.71
C MET A 431 6.07 -25.13 9.96
N ALA A 432 5.60 -26.38 9.91
CA ALA A 432 4.35 -26.66 9.21
C ALA A 432 3.18 -25.95 9.86
N GLN A 433 3.15 -25.94 11.20
CA GLN A 433 2.10 -25.18 11.87
C GLN A 433 2.18 -23.72 11.48
N HIS A 434 3.40 -23.18 11.41
CA HIS A 434 3.58 -21.78 11.05
C HIS A 434 3.04 -21.50 9.64
N PHE A 435 3.32 -22.40 8.71
CA PHE A 435 2.92 -22.25 7.31
C PHE A 435 1.50 -22.71 7.03
N ASP A 436 0.78 -23.20 8.06
CA ASP A 436 -0.54 -23.77 7.87
C ASP A 436 -0.49 -24.85 6.82
N GLU A 437 0.56 -25.66 6.89
CA GLU A 437 0.83 -26.70 5.92
C GLU A 437 0.60 -28.08 6.52
N VAL A 438 -0.09 -28.94 5.76
CA VAL A 438 -0.36 -30.30 6.19
C VAL A 438 0.95 -31.05 6.27
N TRP A 439 1.20 -31.70 7.40
CA TRP A 439 2.49 -32.33 7.64
C TRP A 439 2.30 -33.74 8.20
N ASN A 440 3.32 -34.57 7.98
CA ASN A 440 3.39 -35.93 8.52
C ASN A 440 4.47 -36.03 9.60
N SER A 441 4.10 -36.60 10.77
CA SER A 441 4.97 -36.60 11.94
C SER A 441 6.33 -37.25 11.64
N GLU A 442 6.30 -38.32 10.87
CA GLU A 442 7.42 -39.17 10.51
C GLU A 442 8.10 -38.68 9.20
N ALA A 443 7.67 -37.52 8.64
CA ALA A 443 8.36 -36.93 7.48
C ALA A 443 9.68 -36.21 7.83
N CYS A 444 9.90 -35.77 9.07
CA CYS A 444 11.20 -35.17 9.38
C CYS A 444 12.32 -36.18 9.17
N ASN A 445 12.12 -37.40 9.68
CA ASN A 445 12.92 -38.54 9.26
C ASN A 445 14.41 -38.37 9.64
N LYS A 446 14.63 -38.14 10.94
CA LYS A 446 15.94 -37.92 11.59
C LYS A 446 16.58 -36.56 11.26
N MET A 447 15.85 -35.59 10.74
CA MET A 447 16.53 -34.39 10.26
C MET A 447 16.39 -33.17 11.17
N CYS A 448 16.08 -33.37 12.44
CA CYS A 448 16.15 -32.27 13.38
C CYS A 448 16.56 -32.79 14.75
N ASP A 449 17.06 -31.87 15.58
CA ASP A 449 17.67 -32.24 16.85
C ASP A 449 16.68 -32.89 17.80
N ASN A 450 15.43 -32.42 17.82
CA ASN A 450 14.44 -33.01 18.72
C ASN A 450 14.08 -34.42 18.29
N CYS A 451 14.13 -34.69 16.98
CA CYS A 451 13.77 -36.00 16.47
C CYS A 451 14.82 -37.06 16.84
N CYS A 452 16.07 -36.66 17.04
CA CYS A 452 17.15 -37.59 17.37
C CYS A 452 17.27 -37.92 18.86
N LYS A 453 16.49 -37.32 19.75
CA LYS A 453 16.54 -37.71 21.16
C LYS A 453 15.36 -38.58 21.62
N SER A 465 9.16 -39.91 27.23
CA SER A 465 10.38 -40.21 26.49
C SER A 465 11.60 -39.94 27.36
N ALA A 466 12.37 -38.91 27.00
CA ALA A 466 13.49 -38.43 27.81
C ALA A 466 13.19 -37.07 28.42
N PHE A 467 11.93 -36.65 28.43
CA PHE A 467 11.48 -35.38 28.96
C PHE A 467 10.42 -35.63 30.02
N GLU A 468 10.07 -34.56 30.73
CA GLU A 468 9.15 -34.64 31.86
C GLU A 468 8.55 -33.27 32.06
N ARG A 469 7.58 -33.18 32.95
CA ARG A 469 6.84 -31.97 33.22
C ARG A 469 7.24 -31.43 34.58
N LYS A 470 7.42 -30.11 34.69
CA LYS A 470 7.85 -29.46 35.93
C LYS A 470 6.76 -28.44 36.26
N ASN A 471 6.30 -28.43 37.51
CA ASN A 471 5.31 -27.45 38.00
C ASN A 471 6.05 -26.20 38.45
N ILE A 472 5.73 -25.07 37.80
CA ILE A 472 6.44 -23.82 38.00
C ILE A 472 5.52 -22.70 38.52
N THR A 473 4.40 -23.05 39.14
CA THR A 473 3.47 -22.03 39.60
C THR A 473 4.08 -21.17 40.70
N GLU A 474 4.79 -21.79 41.65
CA GLU A 474 5.35 -21.02 42.76
C GLU A 474 6.40 -20.04 42.28
N TYR A 475 7.16 -20.40 41.24
CA TYR A 475 8.08 -19.44 40.64
C TYR A 475 7.30 -18.23 40.13
N CYS A 476 6.15 -18.46 39.50
CA CYS A 476 5.33 -17.35 39.02
C CYS A 476 4.86 -16.47 40.17
N ARG A 477 4.42 -17.09 41.27
CA ARG A 477 3.97 -16.29 42.40
C ARG A 477 5.10 -15.45 42.96
N ASP A 478 6.31 -16.03 43.07
CA ASP A 478 7.46 -15.30 43.57
C ASP A 478 7.80 -14.12 42.67
N LEU A 479 7.80 -14.34 41.35
CA LEU A 479 8.11 -13.25 40.43
C LEU A 479 7.08 -12.15 40.54
N ILE A 480 5.81 -12.52 40.70
CA ILE A 480 4.77 -11.50 40.84
C ILE A 480 4.96 -10.72 42.14
N LYS A 481 5.37 -11.40 43.21
CA LYS A 481 5.68 -10.68 44.45
C LYS A 481 6.82 -9.69 44.24
N ILE A 482 7.88 -10.10 43.53
CA ILE A 482 8.99 -9.19 43.28
C ILE A 482 8.51 -7.97 42.48
N LEU A 483 7.70 -8.22 41.46
CA LEU A 483 7.14 -7.15 40.65
C LEU A 483 6.29 -6.20 41.48
N LYS A 484 5.54 -6.74 42.44
CA LYS A 484 4.70 -5.86 43.24
C LYS A 484 5.55 -5.02 44.17
N GLN A 485 6.57 -5.62 44.79
CA GLN A 485 7.46 -4.83 45.64
C GLN A 485 8.08 -3.70 44.84
N ALA A 486 8.50 -3.98 43.61
CA ALA A 486 9.09 -2.97 42.74
C ALA A 486 8.11 -1.84 42.44
N GLU A 487 6.85 -2.19 42.13
CA GLU A 487 5.92 -1.15 41.71
C GLU A 487 5.51 -0.28 42.88
N GLU A 488 5.48 -0.85 44.10
CA GLU A 488 5.21 -0.01 45.27
C GLU A 488 6.33 0.99 45.49
N LEU A 489 7.58 0.59 45.30
CA LEU A 489 8.70 1.52 45.39
C LEU A 489 8.82 2.42 44.16
N ASN A 490 7.86 2.34 43.23
CA ASN A 490 7.90 3.09 41.98
C ASN A 490 9.17 2.81 41.18
N GLU A 491 9.45 1.51 40.99
CA GLU A 491 10.60 1.01 40.25
C GLU A 491 10.13 0.18 39.08
N LYS A 492 10.76 0.38 37.92
CA LYS A 492 10.49 -0.42 36.73
C LYS A 492 11.60 -1.46 36.62
N LEU A 493 11.20 -2.71 36.39
CA LEU A 493 12.13 -3.85 36.39
C LEU A 493 12.39 -4.30 34.97
N THR A 494 13.66 -4.32 34.58
CA THR A 494 14.07 -4.99 33.37
C THR A 494 14.17 -6.48 33.63
N PRO A 495 14.16 -7.30 32.58
CA PRO A 495 14.27 -8.75 32.81
C PRO A 495 15.49 -9.09 33.66
N LEU A 496 16.61 -8.37 33.46
CA LEU A 496 17.79 -8.59 34.28
C LEU A 496 17.53 -8.24 35.74
N LYS A 497 16.85 -7.12 36.01
CA LYS A 497 16.56 -6.77 37.40
C LYS A 497 15.66 -7.81 38.04
N LEU A 498 14.65 -8.29 37.30
CA LEU A 498 13.74 -9.27 37.84
C LEU A 498 14.46 -10.60 38.15
N ILE A 499 15.28 -11.07 37.22
CA ILE A 499 15.98 -12.34 37.45
C ILE A 499 17.00 -12.21 38.57
N ASP A 500 17.69 -11.05 38.65
CA ASP A 500 18.65 -10.84 39.73
C ASP A 500 17.95 -10.81 41.08
N SER A 501 16.81 -10.13 41.16
CA SER A 501 16.05 -10.14 42.40
C SER A 501 15.62 -11.54 42.76
N TRP A 502 15.25 -12.33 41.75
CA TRP A 502 14.93 -13.73 41.98
C TRP A 502 16.12 -14.48 42.58
N MET A 503 17.33 -14.22 42.09
CA MET A 503 18.58 -14.84 42.50
C MET A 503 19.21 -14.18 43.72
N GLY A 504 18.61 -13.12 44.26
CA GLY A 504 19.15 -12.47 45.44
C GLY A 504 20.26 -11.48 45.20
N LYS A 505 20.63 -11.23 43.95
CA LYS A 505 21.59 -10.18 43.65
C LYS A 505 20.86 -8.87 43.32
N GLY A 506 21.59 -7.91 42.73
CA GLY A 506 20.98 -6.67 42.33
C GLY A 506 20.75 -5.76 43.52
N ALA A 507 19.90 -4.75 43.32
CA ALA A 507 19.58 -3.83 44.40
C ALA A 507 18.87 -4.57 45.54
N ALA A 508 19.28 -4.24 46.77
CA ALA A 508 18.73 -4.91 47.94
C ALA A 508 17.25 -4.66 48.11
N LYS A 509 16.81 -3.41 47.88
CA LYS A 509 15.41 -3.07 48.08
C LYS A 509 14.49 -3.85 47.16
N LEU A 510 15.01 -4.30 46.01
CA LEU A 510 14.20 -5.05 45.07
C LEU A 510 14.01 -6.49 45.51
N ARG A 511 14.83 -6.97 46.45
CA ARG A 511 14.69 -8.35 46.89
C ARG A 511 13.46 -8.53 47.77
N VAL A 512 12.86 -9.71 47.68
CA VAL A 512 11.64 -10.03 48.41
C VAL A 512 11.95 -11.11 49.45
N ALA A 513 11.54 -10.86 50.69
CA ALA A 513 11.79 -11.80 51.77
C ALA A 513 11.10 -13.13 51.49
N GLY A 514 11.85 -14.21 51.67
CA GLY A 514 11.34 -15.55 51.48
C GLY A 514 11.40 -16.08 50.05
N VAL A 515 11.75 -15.24 49.08
CA VAL A 515 11.81 -15.67 47.69
C VAL A 515 13.20 -16.23 47.42
N VAL A 516 13.28 -17.55 47.27
CA VAL A 516 14.52 -18.24 46.98
C VAL A 516 14.37 -18.93 45.62
N ALA A 517 15.29 -18.64 44.71
CA ALA A 517 15.24 -19.23 43.39
C ALA A 517 15.62 -20.71 43.45
N PRO A 518 15.07 -21.52 42.55
CA PRO A 518 15.45 -22.94 42.51
C PRO A 518 16.91 -23.11 42.11
N THR A 519 17.50 -24.21 42.57
CA THR A 519 18.91 -24.50 42.29
C THR A 519 19.02 -25.04 40.86
N LEU A 520 18.94 -24.12 39.92
CA LEU A 520 19.01 -24.42 38.50
C LEU A 520 20.02 -23.53 37.82
N PRO A 521 20.56 -23.95 36.68
CA PRO A 521 21.42 -23.05 35.91
C PRO A 521 20.62 -21.83 35.51
N ARG A 522 21.33 -20.73 35.32
CA ARG A 522 20.68 -19.46 34.98
C ARG A 522 19.79 -19.57 33.76
N GLU A 523 20.19 -20.37 32.78
CA GLU A 523 19.40 -20.54 31.57
C GLU A 523 18.03 -21.12 31.86
N ASP A 524 17.95 -22.01 32.86
CA ASP A 524 16.66 -22.57 33.22
C ASP A 524 15.73 -21.51 33.79
N LEU A 525 16.27 -20.62 34.64
CA LEU A 525 15.46 -19.53 35.18
C LEU A 525 15.02 -18.58 34.06
N GLU A 526 15.92 -18.31 33.12
CA GLU A 526 15.58 -17.49 31.96
C GLU A 526 14.50 -18.13 31.10
N LYS A 527 14.58 -19.45 30.89
CA LYS A 527 13.57 -20.15 30.11
C LYS A 527 12.23 -20.10 30.82
N ILE A 528 12.24 -20.22 32.15
CA ILE A 528 11.00 -20.14 32.92
C ILE A 528 10.37 -18.76 32.76
N ILE A 529 11.19 -17.71 32.84
CA ILE A 529 10.68 -16.34 32.67
C ILE A 529 10.15 -16.14 31.25
N ALA A 530 10.84 -16.67 30.24
CA ALA A 530 10.37 -16.55 28.87
C ALA A 530 9.04 -17.24 28.68
N HIS A 531 8.88 -18.43 29.27
CA HIS A 531 7.60 -19.14 29.21
C HIS A 531 6.48 -18.32 29.85
N PHE A 532 6.76 -17.74 31.02
CA PHE A 532 5.76 -16.89 31.65
C PHE A 532 5.41 -15.70 30.76
N LEU A 533 6.40 -15.19 30.02
CA LEU A 533 6.14 -14.05 29.15
C LEU A 533 5.26 -14.44 27.97
N ILE A 534 5.62 -15.50 27.26
CA ILE A 534 4.83 -15.91 26.11
C ILE A 534 3.48 -16.47 26.53
N GLN A 535 3.35 -16.96 27.76
CA GLN A 535 2.08 -17.40 28.32
C GLN A 535 1.26 -16.27 28.94
N GLN A 536 1.76 -15.04 28.90
CA GLN A 536 1.04 -13.82 29.29
C GLN A 536 0.81 -13.68 30.80
N TYR A 537 1.52 -14.44 31.63
CA TYR A 537 1.56 -14.12 33.05
C TYR A 537 2.47 -12.93 33.31
N LEU A 538 3.44 -12.74 32.43
CA LEU A 538 4.26 -11.53 32.39
C LEU A 538 4.01 -10.87 31.04
N LYS A 539 4.14 -9.55 31.01
CA LYS A 539 3.98 -8.80 29.77
C LYS A 539 5.14 -7.83 29.62
N GLU A 540 5.41 -7.46 28.38
CA GLU A 540 6.44 -6.47 28.11
C GLU A 540 5.83 -5.07 28.18
N ASP A 541 6.59 -4.14 28.76
CA ASP A 541 6.21 -2.74 28.85
C ASP A 541 7.36 -1.94 28.24
N TYR A 542 7.13 -1.34 27.09
CA TYR A 542 8.20 -0.65 26.38
C TYR A 542 8.32 0.80 26.86
N SER A 543 9.56 1.26 27.02
CA SER A 543 9.85 2.64 27.34
C SER A 543 10.79 3.23 26.30
N PHE A 544 10.50 4.45 25.87
CA PHE A 544 11.29 5.15 24.87
C PHE A 544 12.18 6.16 25.57
N THR A 545 13.48 6.07 25.36
CA THR A 545 14.44 7.02 25.91
C THR A 545 15.23 7.66 24.77
N ALA A 546 16.16 8.55 25.16
CA ALA A 546 16.81 9.41 24.17
C ALA A 546 17.50 8.59 23.09
N TYR A 547 18.36 7.64 23.48
CA TYR A 547 19.12 6.89 22.52
C TYR A 547 18.61 5.47 22.31
N ALA A 548 17.69 4.98 23.14
CA ALA A 548 17.29 3.58 23.01
C ALA A 548 15.87 3.33 23.48
N THR A 549 15.32 2.21 22.99
CA THR A 549 14.02 1.68 23.43
C THR A 549 14.28 0.47 24.29
N ILE A 550 13.68 0.42 25.47
CA ILE A 550 13.99 -0.64 26.42
C ILE A 550 12.71 -1.35 26.84
N SER A 551 12.88 -2.62 27.23
CA SER A 551 11.77 -3.47 27.64
C SER A 551 11.81 -3.64 29.16
N TYR A 552 10.66 -3.43 29.79
CA TYR A 552 10.43 -3.81 31.18
C TYR A 552 9.48 -4.99 31.19
N LEU A 553 9.45 -5.70 32.32
CA LEU A 553 8.48 -6.75 32.53
C LEU A 553 7.46 -6.27 33.56
N LYS A 554 6.19 -6.56 33.29
CA LYS A 554 5.10 -6.16 34.17
C LYS A 554 4.14 -7.32 34.37
N ILE A 555 3.22 -7.11 35.31
CA ILE A 555 2.22 -8.13 35.63
C ILE A 555 1.33 -8.37 34.43
N GLY A 556 1.23 -9.62 34.00
CA GLY A 556 0.52 -9.95 32.79
C GLY A 556 -0.97 -10.11 33.00
N PRO A 557 -1.70 -10.23 31.88
CA PRO A 557 -3.16 -10.38 31.98
C PRO A 557 -3.62 -11.60 32.75
N LYS A 558 -2.94 -12.74 32.59
CA LYS A 558 -3.41 -13.99 33.18
C LYS A 558 -2.92 -14.18 34.62
N ALA A 559 -2.21 -13.20 35.17
CA ALA A 559 -1.70 -13.33 36.54
C ALA A 559 -2.83 -13.41 37.56
N ASN A 560 -3.98 -12.81 37.26
CA ASN A 560 -5.12 -12.92 38.17
C ASN A 560 -5.56 -14.36 38.34
N LEU A 561 -5.29 -15.21 37.34
CA LEU A 561 -5.59 -16.63 37.44
C LEU A 561 -4.87 -17.29 38.61
N LEU A 562 -3.76 -16.71 39.05
CA LEU A 562 -3.02 -17.25 40.19
C LEU A 562 -3.74 -17.05 41.51
N ASN A 563 -4.84 -16.28 41.57
CA ASN A 563 -5.53 -16.10 42.84
C ASN A 563 -6.04 -17.43 43.40
N ASN A 564 -6.52 -18.30 42.52
CA ASN A 564 -6.91 -19.65 42.85
C ASN A 564 -5.74 -20.59 43.10
N GLU A 565 -5.75 -21.36 44.27
CA GLU A 565 -4.51 -22.14 44.46
C GLU A 565 -4.57 -23.39 43.62
N ALA A 566 -5.70 -23.75 43.01
CA ALA A 566 -5.68 -24.96 42.24
C ALA A 566 -5.07 -24.70 40.88
N HIS A 567 -4.80 -23.43 40.59
CA HIS A 567 -4.13 -23.04 39.35
C HIS A 567 -2.78 -23.72 39.30
N ALA A 568 -2.40 -24.22 38.14
CA ALA A 568 -1.11 -24.86 37.94
C ALA A 568 -0.54 -24.43 36.60
N ILE A 569 0.79 -24.27 36.53
CA ILE A 569 1.50 -23.93 35.29
C ILE A 569 2.63 -24.94 35.12
N THR A 570 2.66 -25.64 33.99
CA THR A 570 3.64 -26.71 33.76
C THR A 570 4.50 -26.40 32.54
N MET A 571 5.81 -26.66 32.65
CA MET A 571 6.72 -26.52 31.52
C MET A 571 7.49 -27.81 31.34
N GLN A 572 7.77 -28.18 30.10
CA GLN A 572 8.52 -29.41 29.86
C GLN A 572 10.03 -29.18 30.03
N VAL A 573 10.70 -30.12 30.70
CA VAL A 573 12.15 -30.10 30.89
C VAL A 573 12.67 -31.49 30.56
N THR A 574 13.99 -31.64 30.49
CA THR A 574 14.53 -32.97 30.27
C THR A 574 14.70 -33.66 31.61
N LYS A 575 14.65 -34.99 31.61
CA LYS A 575 14.76 -35.72 32.87
C LYS A 575 16.10 -36.46 33.08
N SER B 36 -23.72 4.58 19.04
CA SER B 36 -23.83 3.77 17.82
C SER B 36 -24.43 4.57 16.73
N SER B 37 -24.49 5.86 16.96
CA SER B 37 -24.96 6.87 16.00
C SER B 37 -24.64 8.24 16.59
N PRO B 38 -24.16 9.24 15.83
CA PRO B 38 -23.90 10.60 16.38
C PRO B 38 -25.07 11.40 17.00
N ALA B 39 -26.32 11.18 16.58
CA ALA B 39 -27.38 12.02 17.12
C ALA B 39 -27.45 11.91 18.64
N ALA B 40 -27.14 10.72 19.18
CA ALA B 40 -27.12 10.53 20.63
C ALA B 40 -26.14 11.48 21.32
N TRP B 41 -25.12 11.95 20.61
CA TRP B 41 -24.07 12.82 21.11
C TRP B 41 -24.36 14.29 20.79
N ASN B 42 -25.46 14.57 20.09
CA ASN B 42 -25.92 15.92 19.75
C ASN B 42 -26.62 16.57 20.97
N LYS B 43 -25.86 16.72 22.05
CA LYS B 43 -26.40 17.28 23.28
C LYS B 43 -25.43 18.31 23.85
N GLU B 44 -25.91 19.09 24.83
CA GLU B 44 -24.99 19.97 25.53
C GLU B 44 -25.21 19.88 27.05
N ASP B 45 -25.64 18.72 27.54
CA ASP B 45 -25.78 18.50 28.98
C ASP B 45 -24.54 17.86 29.63
N PHE B 46 -23.48 17.63 28.87
CA PHE B 46 -22.28 17.03 29.43
C PHE B 46 -21.51 18.01 30.32
N PRO B 47 -20.72 17.49 31.26
CA PRO B 47 -19.96 18.38 32.16
C PRO B 47 -19.06 19.34 31.42
N TRP B 48 -18.42 18.89 30.35
CA TRP B 48 -17.57 19.77 29.56
C TRP B 48 -18.34 20.71 28.65
N SER B 49 -19.64 20.48 28.44
CA SER B 49 -20.40 21.25 27.45
C SER B 49 -20.30 22.76 27.70
N GLY B 50 -20.34 23.18 28.96
CA GLY B 50 -20.10 24.58 29.26
C GLY B 50 -18.74 25.07 28.82
N LYS B 51 -17.69 24.32 29.19
CA LYS B 51 -16.34 24.71 28.75
C LYS B 51 -16.23 24.71 27.24
N VAL B 52 -16.87 23.75 26.58
CA VAL B 52 -16.83 23.73 25.13
C VAL B 52 -17.43 25.01 24.55
N LYS B 53 -18.66 25.35 24.96
CA LYS B 53 -19.29 26.51 24.32
C LYS B 53 -18.61 27.83 24.66
N ASP B 54 -18.21 28.02 25.94
CA ASP B 54 -17.48 29.24 26.27
C ASP B 54 -16.23 29.35 25.39
N ILE B 55 -15.38 28.32 25.37
CA ILE B 55 -14.14 28.41 24.60
C ILE B 55 -14.46 28.71 23.13
N LEU B 56 -15.44 28.00 22.56
CA LEU B 56 -15.83 28.23 21.16
C LEU B 56 -16.14 29.70 20.89
N GLN B 57 -17.02 30.30 21.70
CA GLN B 57 -17.43 31.66 21.40
C GLN B 57 -16.35 32.65 21.75
N ASN B 58 -15.48 32.32 22.70
CA ASN B 58 -14.49 33.27 23.17
C ASN B 58 -13.18 33.19 22.38
N VAL B 59 -12.54 32.00 22.38
CA VAL B 59 -11.28 31.84 21.67
C VAL B 59 -11.46 31.81 20.15
N PHE B 60 -12.43 31.04 19.65
CA PHE B 60 -12.55 30.93 18.19
C PHE B 60 -13.47 31.97 17.59
N LYS B 61 -14.25 32.66 18.42
CA LYS B 61 -15.20 33.68 17.99
C LYS B 61 -16.07 33.14 16.85
N LEU B 62 -16.73 32.01 17.12
CA LEU B 62 -17.76 31.50 16.24
C LEU B 62 -18.99 31.20 17.06
N GLU B 63 -20.15 31.75 16.68
CA GLU B 63 -21.27 31.52 17.58
C GLU B 63 -21.81 30.09 17.45
N LYS B 64 -21.87 29.53 16.23
CA LYS B 64 -22.48 28.20 16.11
C LYS B 64 -21.49 27.26 15.42
N PHE B 65 -21.71 25.97 15.64
CA PHE B 65 -21.00 24.87 14.97
C PHE B 65 -21.67 24.33 13.71
N ARG B 66 -20.84 24.01 12.70
CA ARG B 66 -21.34 23.34 11.51
C ARG B 66 -21.76 21.92 11.90
N PRO B 67 -22.55 21.26 11.06
CA PRO B 67 -23.06 19.93 11.42
C PRO B 67 -21.95 18.96 11.79
N LEU B 68 -22.21 18.20 12.87
CA LEU B 68 -21.39 17.14 13.43
C LEU B 68 -20.12 17.62 14.15
N GLN B 69 -19.87 18.92 14.25
CA GLN B 69 -18.68 19.35 14.98
C GLN B 69 -18.82 19.16 16.50
N LEU B 70 -19.94 19.60 17.09
CA LEU B 70 -20.09 19.42 18.53
C LEU B 70 -20.16 17.93 18.88
N GLU B 71 -20.81 17.12 18.04
CA GLU B 71 -20.91 15.69 18.32
C GLU B 71 -19.51 15.04 18.35
N THR B 72 -18.67 15.36 17.36
CA THR B 72 -17.32 14.80 17.36
C THR B 72 -16.57 15.30 18.58
N ILE B 73 -16.76 16.57 18.92
CA ILE B 73 -16.09 17.13 20.08
C ILE B 73 -16.55 16.40 21.35
N ASN B 74 -17.84 16.13 21.48
CA ASN B 74 -18.33 15.39 22.64
C ASN B 74 -17.75 13.99 22.74
N VAL B 75 -17.71 13.26 21.61
CA VAL B 75 -17.15 11.91 21.68
C VAL B 75 -15.68 11.94 22.01
N THR B 76 -14.95 12.86 21.39
CA THR B 76 -13.54 13.02 21.66
C THR B 76 -13.33 13.42 23.13
N MET B 77 -14.08 14.40 23.59
CA MET B 77 -14.07 14.92 24.96
C MET B 77 -14.51 13.86 25.94
N ALA B 78 -15.23 12.85 25.49
CA ALA B 78 -15.56 11.70 26.30
C ALA B 78 -14.41 10.71 26.38
N GLY B 79 -13.27 11.09 25.80
CA GLY B 79 -12.02 10.34 25.79
C GLY B 79 -12.08 9.08 24.96
N LYS B 80 -12.66 9.16 23.76
CA LYS B 80 -13.03 7.98 22.97
C LYS B 80 -12.69 8.27 21.50
N GLU B 81 -11.93 7.35 20.93
CA GLU B 81 -11.39 7.52 19.59
C GLU B 81 -12.54 7.57 18.59
N VAL B 82 -12.49 8.57 17.71
CA VAL B 82 -13.56 8.85 16.77
C VAL B 82 -12.94 9.13 15.40
N PHE B 83 -13.54 8.57 14.36
CA PHE B 83 -13.17 8.87 12.99
C PHE B 83 -14.24 9.76 12.37
N LEU B 84 -13.83 10.92 11.87
CA LEU B 84 -14.72 11.91 11.29
C LEU B 84 -14.40 12.02 9.81
N VAL B 85 -15.39 11.71 8.98
CA VAL B 85 -15.33 11.93 7.54
C VAL B 85 -16.10 13.20 7.24
N MET B 86 -15.41 14.22 6.71
CA MET B 86 -16.07 15.50 6.48
C MET B 86 -15.42 16.17 5.27
N PRO B 87 -16.22 16.75 4.37
CA PRO B 87 -15.65 17.38 3.16
C PRO B 87 -14.70 18.53 3.44
N THR B 88 -13.73 18.69 2.53
CA THR B 88 -12.74 19.76 2.64
C THR B 88 -13.44 21.12 2.68
N GLY B 89 -13.01 21.97 3.61
CA GLY B 89 -13.62 23.25 3.83
C GLY B 89 -14.82 23.21 4.75
N GLY B 90 -15.14 22.05 5.32
CA GLY B 90 -16.23 21.96 6.26
C GLY B 90 -15.87 22.27 7.70
N GLY B 91 -14.58 22.47 7.97
CA GLY B 91 -14.13 22.80 9.31
C GLY B 91 -13.64 21.59 10.08
N LYS B 92 -12.79 20.76 9.47
CA LYS B 92 -12.29 19.57 10.17
C LYS B 92 -11.32 19.93 11.28
N SER B 93 -10.42 20.89 11.05
CA SER B 93 -9.33 21.14 11.99
C SER B 93 -9.83 21.57 13.36
N LEU B 94 -10.94 22.29 13.40
CA LEU B 94 -11.49 22.78 14.65
C LEU B 94 -11.85 21.66 15.62
N CYS B 95 -12.41 20.56 15.11
CA CYS B 95 -12.89 19.50 16.00
C CYS B 95 -11.78 18.90 16.87
N TYR B 96 -10.51 19.05 16.48
CA TYR B 96 -9.42 18.65 17.35
C TYR B 96 -8.68 19.84 17.93
N GLN B 97 -8.81 21.03 17.35
CA GLN B 97 -8.13 22.19 17.92
C GLN B 97 -8.85 22.72 19.16
N LEU B 98 -10.18 22.73 19.15
CA LEU B 98 -10.95 23.24 20.31
C LEU B 98 -10.76 22.40 21.56
N PRO B 99 -10.89 21.09 21.54
CA PRO B 99 -10.65 20.32 22.77
C PRO B 99 -9.23 20.46 23.28
N ALA B 100 -8.27 20.85 22.45
CA ALA B 100 -6.91 21.07 22.93
C ALA B 100 -6.87 22.17 23.97
N LEU B 101 -7.53 23.31 23.70
CA LEU B 101 -7.67 24.38 24.67
C LEU B 101 -8.67 24.03 25.77
N CYS B 102 -9.57 23.07 25.54
CA CYS B 102 -10.40 22.66 26.66
C CYS B 102 -9.58 21.82 27.66
N SER B 103 -8.55 21.12 27.20
CA SER B 103 -7.75 20.24 28.05
C SER B 103 -6.66 21.01 28.78
N ASP B 104 -5.71 20.27 29.37
CA ASP B 104 -4.69 20.83 30.25
C ASP B 104 -3.38 21.07 29.50
N GLY B 105 -2.82 20.03 28.85
CA GLY B 105 -1.50 20.15 28.27
C GLY B 105 -1.43 20.41 26.77
N PHE B 106 -1.13 19.39 25.95
CA PHE B 106 -1.04 19.61 24.51
C PHE B 106 -1.67 18.46 23.73
N THR B 107 -1.91 18.74 22.45
CA THR B 107 -2.44 17.77 21.50
C THR B 107 -1.41 17.50 20.41
N LEU B 108 -1.20 16.22 20.11
CA LEU B 108 -0.29 15.79 19.06
C LEU B 108 -1.10 15.61 17.79
N VAL B 109 -0.73 16.30 16.71
CA VAL B 109 -1.41 16.18 15.44
C VAL B 109 -0.45 15.54 14.45
N ILE B 110 -0.92 14.54 13.73
CA ILE B 110 -0.15 13.88 12.69
C ILE B 110 -0.62 14.36 11.33
N CYS B 111 0.32 14.90 10.54
CA CYS B 111 -0.05 15.46 9.25
C CYS B 111 0.92 14.97 8.18
N PRO B 112 0.42 14.44 7.06
CA PRO B 112 1.32 13.83 6.07
C PRO B 112 2.20 14.85 5.37
N LEU B 113 1.67 16.04 5.12
CA LEU B 113 2.32 17.04 4.31
C LEU B 113 2.57 18.29 5.12
N ILE B 114 3.69 18.93 4.81
CA ILE B 114 4.11 20.14 5.50
C ILE B 114 3.17 21.30 5.25
N SER B 115 2.62 21.36 4.04
CA SER B 115 1.78 22.49 3.62
C SER B 115 0.49 22.59 4.46
N LEU B 116 -0.16 21.45 4.72
CA LEU B 116 -1.37 21.49 5.54
C LEU B 116 -1.03 22.02 6.94
N MET B 117 0.14 21.61 7.44
CA MET B 117 0.64 22.09 8.73
C MET B 117 0.87 23.60 8.73
N GLU B 118 1.41 24.16 7.64
CA GLU B 118 1.58 25.61 7.57
C GLU B 118 0.24 26.30 7.62
N ASP B 119 -0.73 25.75 6.90
CA ASP B 119 -2.07 26.31 6.90
C ASP B 119 -2.64 26.39 8.32
N GLN B 120 -2.60 25.26 9.03
CA GLN B 120 -3.14 25.25 10.39
C GLN B 120 -2.36 26.20 11.30
N LEU B 121 -1.05 26.25 11.14
CA LEU B 121 -0.24 27.12 11.99
C LEU B 121 -0.57 28.58 11.78
N MET B 122 -0.80 28.99 10.53
CA MET B 122 -1.13 30.39 10.30
C MET B 122 -2.50 30.75 10.90
N VAL B 123 -3.51 29.90 10.72
CA VAL B 123 -4.80 30.16 11.37
C VAL B 123 -4.65 30.26 12.89
N LEU B 124 -3.92 29.30 13.49
CA LEU B 124 -3.82 29.26 14.94
C LEU B 124 -3.02 30.43 15.51
N LYS B 125 -1.94 30.82 14.82
CA LYS B 125 -1.17 31.99 15.24
C LYS B 125 -1.99 33.26 15.14
N GLN B 126 -2.78 33.40 14.07
CA GLN B 126 -3.65 34.58 13.99
C GLN B 126 -4.57 34.65 15.19
N LEU B 127 -5.19 33.53 15.57
CA LEU B 127 -6.01 33.60 16.77
C LEU B 127 -5.15 33.81 18.02
N GLY B 128 -3.89 33.41 18.00
CA GLY B 128 -3.09 33.51 19.19
C GLY B 128 -2.90 32.24 19.96
N ILE B 129 -3.36 31.13 19.43
CA ILE B 129 -3.14 29.86 20.10
C ILE B 129 -1.74 29.43 19.71
N SER B 130 -0.93 28.97 20.68
CA SER B 130 0.47 28.60 20.45
C SER B 130 0.49 27.17 19.93
N ALA B 131 0.93 27.01 18.70
CA ALA B 131 0.98 25.70 18.09
C ALA B 131 2.28 25.75 17.34
N THR B 132 2.92 24.60 17.22
CA THR B 132 4.19 24.48 16.58
C THR B 132 4.18 23.26 15.70
N MET B 133 5.20 23.17 14.85
CA MET B 133 5.32 22.09 13.90
C MET B 133 6.76 21.62 13.91
N LEU B 134 6.94 20.31 13.88
CA LEU B 134 8.24 19.69 13.71
C LEU B 134 8.16 18.98 12.38
N ASN B 135 9.13 19.24 11.53
CA ASN B 135 9.16 18.67 10.20
C ASN B 135 10.57 18.22 9.85
N ALA B 136 10.68 17.58 8.69
CA ALA B 136 11.87 16.86 8.28
C ALA B 136 13.06 17.79 8.41
N SER B 137 13.01 18.93 7.74
CA SER B 137 14.05 19.94 7.85
C SER B 137 13.51 21.10 8.68
N SER B 138 13.60 20.94 10.00
CA SER B 138 13.35 22.01 10.96
C SER B 138 14.68 22.36 11.61
N SER B 139 14.82 23.59 12.09
CA SER B 139 16.11 23.94 12.66
C SER B 139 16.35 23.09 13.90
N LYS B 140 17.61 22.71 14.12
CA LYS B 140 17.96 21.82 15.22
C LYS B 140 17.59 22.44 16.56
N GLU B 141 17.67 23.77 16.61
CA GLU B 141 17.33 24.53 17.80
C GLU B 141 15.83 24.74 17.90
N HIS B 142 15.13 24.70 16.77
CA HIS B 142 13.68 24.54 16.84
C HIS B 142 13.33 23.20 17.48
N VAL B 143 14.08 22.14 17.15
CA VAL B 143 13.79 20.85 17.76
C VAL B 143 14.05 20.84 19.26
N LYS B 144 15.18 21.43 19.71
CA LYS B 144 15.37 21.52 21.16
C LYS B 144 14.30 22.38 21.82
N TRP B 145 13.91 23.50 21.22
CA TRP B 145 12.84 24.26 21.83
C TRP B 145 11.55 23.43 21.93
N VAL B 146 11.21 22.69 20.86
CA VAL B 146 10.00 21.87 20.90
C VAL B 146 10.09 20.78 21.97
N HIS B 147 11.25 20.13 22.06
CA HIS B 147 11.45 19.10 23.08
C HIS B 147 11.27 19.68 24.47
N ALA B 148 11.90 20.84 24.71
CA ALA B 148 11.82 21.50 26.00
C ALA B 148 10.38 21.89 26.33
N GLU B 149 9.62 22.35 25.33
CA GLU B 149 8.21 22.68 25.58
C GLU B 149 7.44 21.42 25.94
N MET B 150 7.73 20.32 25.25
CA MET B 150 7.06 19.06 25.53
C MET B 150 7.29 18.66 26.98
N VAL B 151 8.54 18.70 27.44
CA VAL B 151 8.75 18.26 28.81
C VAL B 151 8.21 19.30 29.78
N ASN B 152 8.19 20.57 29.37
CA ASN B 152 7.85 21.64 30.31
C ASN B 152 6.46 21.40 30.90
N LYS B 153 6.35 21.72 32.18
CA LYS B 153 5.19 21.44 32.98
C LYS B 153 4.07 22.49 32.80
N ASN B 154 4.43 23.76 32.57
CA ASN B 154 3.46 24.84 32.46
C ASN B 154 3.54 25.53 31.10
N SER B 155 3.92 24.76 30.08
CA SER B 155 4.05 25.27 28.72
C SER B 155 2.68 25.68 28.19
N GLU B 156 2.63 26.80 27.48
CA GLU B 156 1.38 27.22 26.84
C GLU B 156 1.15 26.52 25.51
N LEU B 157 2.09 25.70 25.03
CA LEU B 157 1.96 25.01 23.76
C LEU B 157 0.78 24.04 23.76
N LYS B 158 -0.09 24.19 22.77
CA LYS B 158 -1.36 23.48 22.72
C LYS B 158 -1.47 22.45 21.62
N LEU B 159 -0.75 22.63 20.53
CA LEU B 159 -0.81 21.72 19.39
C LEU B 159 0.58 21.56 18.80
N ILE B 160 1.02 20.31 18.68
CA ILE B 160 2.31 19.94 18.07
C ILE B 160 1.98 19.23 16.76
N TYR B 161 2.48 19.73 15.63
CA TYR B 161 2.18 19.09 14.34
C TYR B 161 3.42 18.36 13.86
N VAL B 162 3.30 17.06 13.63
CA VAL B 162 4.43 16.25 13.19
C VAL B 162 4.01 15.32 12.05
N THR B 163 5.02 14.89 11.26
CA THR B 163 4.77 13.91 10.23
C THR B 163 4.96 12.49 10.79
N PRO B 164 4.36 11.49 10.13
CA PRO B 164 4.41 10.12 10.69
C PRO B 164 5.81 9.56 10.80
N GLU B 165 6.75 10.05 9.98
CA GLU B 165 8.11 9.59 10.12
C GLU B 165 8.74 10.12 11.40
N LYS B 166 8.29 11.28 11.89
CA LYS B 166 8.77 11.79 13.18
C LYS B 166 8.50 10.78 14.30
N ILE B 167 7.37 10.08 14.22
CA ILE B 167 7.04 9.01 15.15
C ILE B 167 7.88 7.78 14.85
N ALA B 168 8.03 7.43 13.58
CA ALA B 168 8.61 6.15 13.22
C ALA B 168 10.11 6.13 13.49
N LYS B 169 10.82 7.22 13.24
CA LYS B 169 12.28 7.22 13.20
C LYS B 169 12.95 8.01 14.32
N SER B 170 12.24 8.91 15.01
CA SER B 170 12.86 9.76 16.02
C SER B 170 12.72 9.13 17.40
N LYS B 171 13.84 8.68 17.97
CA LYS B 171 13.82 8.08 19.32
C LYS B 171 13.63 9.20 20.34
N MET B 172 14.20 10.36 20.05
CA MET B 172 14.11 11.49 20.97
C MET B 172 12.67 12.01 21.04
N PHE B 173 11.99 12.14 19.90
CA PHE B 173 10.62 12.65 19.95
C PHE B 173 9.72 11.70 20.70
N MET B 174 9.89 10.39 20.50
CA MET B 174 9.10 9.44 21.26
C MET B 174 9.41 9.49 22.75
N SER B 175 10.69 9.68 23.11
CA SER B 175 11.01 9.78 24.53
C SER B 175 10.34 11.01 25.14
N ARG B 176 10.38 12.14 24.45
CA ARG B 176 9.74 13.33 24.97
C ARG B 176 8.22 13.17 25.04
N LEU B 177 7.63 12.51 24.04
CA LEU B 177 6.20 12.20 24.09
C LEU B 177 5.84 11.31 25.26
N GLU B 178 6.66 10.29 25.53
CA GLU B 178 6.39 9.40 26.66
C GLU B 178 6.48 10.15 27.97
N LYS B 179 7.51 11.00 28.13
CA LYS B 179 7.60 11.80 29.35
C LYS B 179 6.39 12.70 29.51
N ALA B 180 5.98 13.38 28.43
CA ALA B 180 4.81 14.24 28.51
C ALA B 180 3.54 13.45 28.85
N TYR B 181 3.39 12.25 28.26
CA TYR B 181 2.22 11.42 28.51
C TYR B 181 2.14 10.95 29.95
N GLU B 182 3.28 10.56 30.52
CA GLU B 182 3.29 10.13 31.91
C GLU B 182 2.94 11.28 32.85
N ALA B 183 3.21 12.50 32.42
CA ALA B 183 2.87 13.64 33.24
C ALA B 183 1.43 14.11 33.04
N ARG B 184 0.60 13.36 32.30
CA ARG B 184 -0.79 13.75 32.07
C ARG B 184 -0.91 15.12 31.41
N ARG B 185 0.15 15.53 30.70
CA ARG B 185 0.10 16.71 29.84
C ARG B 185 -0.14 16.40 28.36
N PHE B 186 0.02 15.14 27.97
CA PHE B 186 -0.21 14.72 26.60
C PHE B 186 -1.29 13.66 26.66
N THR B 187 -2.49 14.04 26.23
CA THR B 187 -3.65 13.16 26.29
C THR B 187 -4.56 13.07 25.07
N ARG B 188 -4.21 13.79 23.99
CA ARG B 188 -4.95 13.95 22.73
C ARG B 188 -4.05 13.70 21.53
N ILE B 189 -4.51 12.89 20.59
CA ILE B 189 -3.83 12.65 19.31
C ILE B 189 -4.82 12.92 18.20
N ALA B 190 -4.40 13.70 17.20
CA ALA B 190 -5.22 13.91 16.01
C ALA B 190 -4.39 13.41 14.83
N VAL B 191 -4.97 12.49 14.05
CA VAL B 191 -4.34 11.93 12.87
C VAL B 191 -5.12 12.45 11.66
N ASP B 192 -4.50 13.37 10.93
CA ASP B 192 -5.10 13.88 9.71
C ASP B 192 -4.87 12.90 8.57
N GLU B 193 -5.82 12.86 7.64
CA GLU B 193 -5.77 11.98 6.47
C GLU B 193 -5.59 10.50 6.84
N VAL B 194 -6.52 9.98 7.66
CA VAL B 194 -6.41 8.59 8.09
C VAL B 194 -6.55 7.66 6.90
N HIS B 195 -7.21 8.12 5.84
CA HIS B 195 -7.34 7.30 4.63
C HIS B 195 -5.99 6.93 4.03
N CYS B 196 -4.92 7.63 4.42
CA CYS B 196 -3.56 7.33 4.00
C CYS B 196 -3.06 5.99 4.52
N CYS B 197 -3.77 5.39 5.47
CA CYS B 197 -3.39 4.06 5.95
C CYS B 197 -3.57 3.01 4.86
N SER B 198 -4.64 3.10 4.06
CA SER B 198 -4.98 2.04 3.12
C SER B 198 -4.35 2.31 1.76
N GLN B 199 -3.89 1.23 1.12
CA GLN B 199 -3.43 1.33 -0.27
C GLN B 199 -4.58 1.68 -1.21
N TRP B 200 -5.77 1.19 -0.90
CA TRP B 200 -7.04 1.40 -1.58
C TRP B 200 -7.58 2.81 -1.37
N GLY B 201 -7.02 3.54 -0.42
CA GLY B 201 -7.31 4.95 -0.27
C GLY B 201 -6.77 5.80 -1.40
N HIS B 202 -7.38 6.98 -1.54
CA HIS B 202 -7.02 7.90 -2.61
C HIS B 202 -5.53 8.19 -2.56
N ASP B 203 -5.02 8.51 -1.38
CA ASP B 203 -3.61 8.72 -1.10
C ASP B 203 -3.15 7.56 -0.22
N PHE B 204 -1.96 7.02 -0.47
CA PHE B 204 -1.51 5.95 0.41
C PHE B 204 -0.12 6.33 0.90
N ARG B 205 0.05 6.30 2.23
CA ARG B 205 1.36 6.55 2.82
C ARG B 205 1.87 5.36 3.62
N PRO B 206 3.03 4.80 3.27
CA PRO B 206 3.57 3.69 4.08
C PRO B 206 3.89 4.05 5.53
N ASP B 207 4.28 5.30 5.78
CA ASP B 207 4.59 5.77 7.13
C ASP B 207 3.45 5.53 8.11
N TYR B 208 2.21 5.59 7.62
CA TYR B 208 1.06 5.48 8.51
C TYR B 208 1.02 4.12 9.20
N LYS B 209 1.64 3.09 8.63
CA LYS B 209 1.59 1.79 9.32
C LYS B 209 2.43 1.75 10.58
N ALA B 210 3.19 2.80 10.90
CA ALA B 210 3.82 2.86 12.21
C ALA B 210 2.88 3.39 13.27
N LEU B 211 1.89 4.20 12.84
CA LEU B 211 1.16 5.05 13.76
C LEU B 211 0.44 4.27 14.85
N GLY B 212 0.21 2.97 14.66
CA GLY B 212 -0.42 2.16 15.69
C GLY B 212 0.29 2.24 17.02
N ILE B 213 1.62 2.42 16.99
CA ILE B 213 2.40 2.51 18.24
C ILE B 213 1.75 3.49 19.20
N LEU B 214 1.17 4.58 18.66
CA LEU B 214 0.56 5.58 19.53
C LEU B 214 -0.44 4.93 20.47
N LYS B 215 -1.47 4.25 19.93
CA LYS B 215 -2.45 3.65 20.82
C LYS B 215 -1.83 2.62 21.73
N ARG B 216 -0.80 1.91 21.25
CA ARG B 216 -0.18 0.92 22.11
C ARG B 216 0.61 1.60 23.21
N GLN B 217 1.28 2.72 22.89
CA GLN B 217 2.10 3.36 23.91
C GLN B 217 1.30 4.32 24.75
N PHE B 218 0.22 4.88 24.22
CA PHE B 218 -0.58 5.87 24.96
C PHE B 218 -2.06 5.49 24.91
N PRO B 219 -2.47 4.37 25.50
CA PRO B 219 -3.88 3.97 25.41
C PRO B 219 -4.84 4.96 26.06
N ASN B 220 -4.40 5.68 27.09
CA ASN B 220 -5.26 6.62 27.80
C ASN B 220 -5.41 7.94 27.07
N ALA B 221 -4.66 8.14 25.99
CA ALA B 221 -4.77 9.30 25.12
C ALA B 221 -5.85 9.04 24.08
N SER B 222 -6.79 9.97 23.95
CA SER B 222 -7.86 9.81 22.99
C SER B 222 -7.40 10.18 21.58
N LEU B 223 -7.83 9.39 20.60
CA LEU B 223 -7.46 9.55 19.21
C LEU B 223 -8.65 9.99 18.37
N ILE B 224 -8.42 10.98 17.51
CA ILE B 224 -9.40 11.41 16.53
C ILE B 224 -8.73 11.27 15.17
N GLY B 225 -9.44 10.65 14.23
CA GLY B 225 -8.99 10.52 12.87
C GLY B 225 -9.83 11.42 11.97
N LEU B 226 -9.15 12.17 11.10
CA LEU B 226 -9.82 13.14 10.26
C LEU B 226 -9.61 12.81 8.79
N THR B 227 -10.70 12.77 8.03
CA THR B 227 -10.52 12.57 6.60
C THR B 227 -11.66 13.20 5.83
N ALA B 228 -11.32 13.71 4.66
CA ALA B 228 -12.30 14.23 3.72
C ALA B 228 -12.95 13.09 2.94
N THR B 229 -12.14 12.13 2.51
CA THR B 229 -12.57 11.03 1.67
C THR B 229 -12.23 9.66 2.23
N ALA B 230 -13.25 8.82 2.33
CA ALA B 230 -13.01 7.47 2.84
C ALA B 230 -14.18 6.57 2.47
N THR B 231 -13.86 5.29 2.35
CA THR B 231 -14.79 4.21 2.06
C THR B 231 -14.86 3.29 3.28
N ASN B 232 -15.74 2.30 3.19
CA ASN B 232 -15.76 1.25 4.20
C ASN B 232 -14.42 0.53 4.26
N HIS B 233 -13.81 0.23 3.09
CA HIS B 233 -12.53 -0.50 3.09
C HIS B 233 -11.43 0.29 3.75
N VAL B 234 -11.35 1.57 3.41
CA VAL B 234 -10.32 2.45 3.93
C VAL B 234 -10.44 2.65 5.42
N LEU B 235 -11.66 2.85 5.92
CA LEU B 235 -11.77 3.06 7.35
C LEU B 235 -11.46 1.79 8.10
N THR B 236 -11.87 0.63 7.59
CA THR B 236 -11.49 -0.61 8.26
C THR B 236 -9.98 -0.84 8.22
N ASP B 237 -9.34 -0.55 7.08
CA ASP B 237 -7.89 -0.65 6.99
C ASP B 237 -7.22 0.28 7.99
N ALA B 238 -7.63 1.54 8.02
CA ALA B 238 -7.04 2.53 8.91
C ALA B 238 -7.25 2.17 10.38
N GLN B 239 -8.44 1.68 10.72
CA GLN B 239 -8.72 1.23 12.08
C GLN B 239 -7.80 0.08 12.46
N LYS B 240 -7.56 -0.83 11.50
CA LYS B 240 -6.62 -1.93 11.70
C LYS B 240 -5.21 -1.42 11.94
N ILE B 241 -4.75 -0.52 11.07
CA ILE B 241 -3.38 -0.02 11.12
C ILE B 241 -3.10 0.71 12.44
N LEU B 242 -4.03 1.54 12.90
CA LEU B 242 -3.86 2.36 14.10
C LEU B 242 -4.08 1.57 15.38
N CYS B 243 -4.35 0.28 15.24
CA CYS B 243 -4.57 -0.67 16.32
C CYS B 243 -5.68 -0.21 17.25
N ILE B 244 -6.80 0.20 16.68
CA ILE B 244 -7.92 0.58 17.51
C ILE B 244 -8.98 -0.48 17.29
N GLU B 245 -9.52 -1.06 18.36
CA GLU B 245 -10.48 -2.18 18.15
C GLU B 245 -11.90 -1.67 18.42
N LYS B 246 -12.05 -0.35 18.61
CA LYS B 246 -13.36 0.25 18.94
C LYS B 246 -13.39 1.66 18.36
N CYS B 247 -14.30 1.96 17.44
CA CYS B 247 -14.29 3.25 16.79
C CYS B 247 -15.66 3.84 16.51
N PHE B 248 -15.92 5.05 17.01
CA PHE B 248 -17.08 5.79 16.55
C PHE B 248 -16.79 6.30 15.14
N THR B 249 -17.80 6.31 14.26
CA THR B 249 -17.62 6.75 12.88
C THR B 249 -18.68 7.77 12.50
N PHE B 250 -18.31 9.04 12.38
CA PHE B 250 -19.27 10.08 12.03
C PHE B 250 -18.99 10.55 10.61
N THR B 251 -20.00 10.45 9.74
CA THR B 251 -19.85 10.88 8.36
C THR B 251 -20.78 12.06 8.11
N ALA B 252 -20.21 13.19 7.74
CA ALA B 252 -21.00 14.36 7.43
C ALA B 252 -21.65 14.19 6.06
N SER B 253 -22.71 14.95 5.82
CA SER B 253 -23.37 14.89 4.52
C SER B 253 -22.51 15.55 3.46
N PHE B 254 -22.56 14.99 2.25
CA PHE B 254 -21.89 15.62 1.12
C PHE B 254 -22.52 16.96 0.78
N ASN B 255 -23.79 17.16 1.15
CA ASN B 255 -24.59 18.21 0.56
C ASN B 255 -24.07 19.60 0.90
N ARG B 256 -24.03 20.45 -0.11
CA ARG B 256 -23.77 21.88 0.06
C ARG B 256 -24.95 22.64 -0.53
N PRO B 257 -25.92 23.05 0.30
CA PRO B 257 -27.17 23.60 -0.25
C PRO B 257 -26.99 24.85 -1.10
N ASN B 258 -25.98 25.67 -0.81
CA ASN B 258 -25.77 26.93 -1.53
C ASN B 258 -25.26 26.78 -2.95
N LEU B 259 -24.80 25.58 -3.35
CA LEU B 259 -24.16 25.40 -4.64
C LEU B 259 -25.22 25.09 -5.69
N TYR B 260 -25.16 25.78 -6.82
CA TYR B 260 -26.07 25.50 -7.93
C TYR B 260 -25.33 24.68 -8.98
N TYR B 261 -25.84 23.47 -9.24
CA TYR B 261 -25.18 22.51 -10.12
C TYR B 261 -25.87 22.52 -11.49
N GLU B 262 -25.06 22.68 -12.54
CA GLU B 262 -25.53 22.77 -13.91
C GLU B 262 -24.58 22.02 -14.85
N VAL B 263 -25.14 21.43 -15.91
CA VAL B 263 -24.38 20.80 -16.97
C VAL B 263 -24.81 21.39 -18.31
N ARG B 264 -23.83 21.90 -19.07
CA ARG B 264 -24.12 22.54 -20.35
C ARG B 264 -23.41 21.79 -21.46
N GLN B 265 -23.92 21.93 -22.68
CA GLN B 265 -23.29 21.30 -23.83
C GLN B 265 -22.00 22.05 -24.16
N LYS B 266 -20.90 21.33 -24.28
CA LYS B 266 -19.64 21.96 -24.65
C LYS B 266 -19.64 22.28 -26.13
N PRO B 267 -19.52 23.55 -26.52
CA PRO B 267 -19.58 23.89 -27.95
C PRO B 267 -18.45 23.24 -28.75
N SER B 268 -18.77 22.89 -30.00
CA SER B 268 -17.77 22.35 -30.91
C SER B 268 -16.71 23.39 -31.24
N ASN B 269 -17.13 24.66 -31.40
CA ASN B 269 -16.23 25.75 -31.76
C ASN B 269 -15.54 26.29 -30.52
N THR B 270 -14.20 26.30 -30.53
CA THR B 270 -13.43 26.77 -29.38
C THR B 270 -13.62 28.26 -29.13
N GLU B 271 -13.68 29.06 -30.20
CA GLU B 271 -13.84 30.50 -30.00
C GLU B 271 -15.23 30.84 -29.49
N ASP B 272 -16.24 30.10 -29.95
CA ASP B 272 -17.60 30.24 -29.42
C ASP B 272 -17.66 29.86 -27.95
N PHE B 273 -16.94 28.80 -27.55
CA PHE B 273 -16.87 28.43 -26.14
C PHE B 273 -16.25 29.55 -25.31
N ILE B 274 -15.17 30.12 -25.81
CA ILE B 274 -14.54 31.23 -25.09
C ILE B 274 -15.53 32.39 -24.95
N GLU B 275 -16.30 32.66 -26.01
CA GLU B 275 -17.31 33.71 -25.91
C GLU B 275 -18.38 33.39 -24.86
N ASP B 276 -18.83 32.14 -24.79
CA ASP B 276 -19.83 31.82 -23.78
C ASP B 276 -19.27 32.05 -22.39
N ILE B 277 -18.00 31.69 -22.19
CA ILE B 277 -17.35 31.92 -20.91
C ILE B 277 -17.26 33.41 -20.60
N VAL B 278 -16.89 34.24 -21.59
CA VAL B 278 -16.80 35.68 -21.36
C VAL B 278 -18.18 36.26 -21.05
N LYS B 279 -19.21 35.76 -21.72
CA LYS B 279 -20.58 36.21 -21.42
C LYS B 279 -20.96 35.86 -19.99
N LEU B 280 -20.55 34.68 -19.54
CA LEU B 280 -20.80 34.32 -18.15
C LEU B 280 -20.06 35.24 -17.18
N ILE B 281 -18.78 35.46 -17.42
CA ILE B 281 -17.92 36.17 -16.48
C ILE B 281 -18.29 37.66 -16.41
N ASN B 282 -18.40 38.33 -17.57
CA ASN B 282 -18.80 39.72 -17.60
C ASN B 282 -20.26 39.92 -17.27
N GLY B 283 -21.02 38.85 -17.21
CA GLY B 283 -22.43 39.04 -16.97
C GLY B 283 -22.79 38.83 -15.52
N ARG B 284 -23.30 37.63 -15.25
CA ARG B 284 -23.78 37.29 -13.89
C ARG B 284 -22.65 37.31 -12.87
N TYR B 285 -21.42 37.06 -13.30
CA TYR B 285 -20.31 36.98 -12.34
C TYR B 285 -19.36 38.17 -12.46
N LYS B 286 -19.89 39.35 -12.76
CA LYS B 286 -19.07 40.54 -12.90
C LYS B 286 -18.40 40.89 -11.57
N GLY B 287 -17.07 40.96 -11.57
CA GLY B 287 -16.36 41.29 -10.35
C GLY B 287 -16.29 40.18 -9.33
N GLN B 288 -16.76 38.98 -9.65
CA GLN B 288 -16.78 37.88 -8.70
C GLN B 288 -15.67 36.89 -9.01
N SER B 289 -14.99 36.42 -7.97
CA SER B 289 -13.89 35.50 -8.16
C SER B 289 -14.37 34.12 -8.58
N GLY B 290 -13.54 33.40 -9.33
CA GLY B 290 -13.93 32.10 -9.80
C GLY B 290 -12.78 31.26 -10.30
N ILE B 291 -13.11 29.98 -10.54
CA ILE B 291 -12.16 28.98 -11.03
C ILE B 291 -12.75 28.34 -12.28
N ILE B 292 -11.91 28.12 -13.29
CA ILE B 292 -12.25 27.35 -14.48
C ILE B 292 -11.32 26.15 -14.48
N TYR B 293 -11.89 24.96 -14.34
CA TYR B 293 -11.07 23.76 -14.28
C TYR B 293 -10.87 23.21 -15.68
N CYS B 294 -9.63 22.86 -16.01
CA CYS B 294 -9.25 22.44 -17.35
C CYS B 294 -8.60 21.07 -17.34
N PHE B 295 -8.75 20.37 -18.47
CA PHE B 295 -8.23 19.01 -18.60
C PHE B 295 -6.71 18.97 -18.66
N SER B 296 -6.09 19.88 -19.40
CA SER B 296 -4.68 19.78 -19.66
C SER B 296 -4.04 21.12 -19.38
N GLN B 297 -2.71 21.08 -19.14
CA GLN B 297 -2.00 22.31 -18.84
C GLN B 297 -2.00 23.31 -20.00
N LYS B 298 -1.72 22.87 -21.24
CA LYS B 298 -1.81 23.85 -22.33
C LYS B 298 -3.26 24.31 -22.49
N ASP B 299 -4.26 23.44 -22.24
CA ASP B 299 -5.65 23.92 -22.32
C ASP B 299 -5.84 25.10 -21.39
N SER B 300 -5.30 25.01 -20.17
CA SER B 300 -5.41 26.11 -19.24
C SER B 300 -4.73 27.33 -19.84
N GLU B 301 -3.56 27.12 -20.46
CA GLU B 301 -2.79 28.19 -21.09
C GLU B 301 -3.55 28.85 -22.24
N GLN B 302 -4.15 28.03 -23.10
CA GLN B 302 -4.89 28.57 -24.24
C GLN B 302 -6.08 29.38 -23.76
N VAL B 303 -6.80 28.84 -22.77
CA VAL B 303 -7.97 29.51 -22.23
C VAL B 303 -7.58 30.81 -21.54
N THR B 304 -6.47 30.79 -20.79
CA THR B 304 -6.02 32.03 -20.15
C THR B 304 -5.68 33.09 -21.19
N VAL B 305 -4.99 32.71 -22.27
CA VAL B 305 -4.64 33.69 -23.29
C VAL B 305 -5.90 34.27 -23.91
N SER B 306 -6.87 33.41 -24.24
CA SER B 306 -8.11 33.86 -24.85
C SER B 306 -8.90 34.79 -23.92
N LEU B 307 -9.01 34.44 -22.63
CA LEU B 307 -9.73 35.32 -21.71
C LEU B 307 -9.02 36.65 -21.52
N GLN B 308 -7.69 36.64 -21.42
CA GLN B 308 -6.94 37.89 -21.25
C GLN B 308 -7.10 38.81 -22.44
N ASN B 309 -7.00 38.25 -23.65
CA ASN B 309 -7.13 39.06 -24.86
C ASN B 309 -8.54 39.64 -25.01
N LEU B 310 -9.51 39.07 -24.31
CA LEU B 310 -10.88 39.57 -24.30
C LEU B 310 -11.15 40.44 -23.07
N GLY B 311 -10.10 40.84 -22.35
CA GLY B 311 -10.23 41.79 -21.27
C GLY B 311 -10.45 41.20 -19.88
N ILE B 312 -10.29 39.89 -19.72
CA ILE B 312 -10.48 39.26 -18.42
C ILE B 312 -9.15 39.10 -17.71
N HIS B 313 -9.12 39.46 -16.43
CA HIS B 313 -7.92 39.26 -15.58
C HIS B 313 -7.95 37.82 -15.09
N ALA B 314 -7.26 36.96 -15.84
CA ALA B 314 -7.24 35.53 -15.58
C ALA B 314 -5.81 35.07 -15.42
N GLY B 315 -5.62 34.01 -14.64
CA GLY B 315 -4.31 33.45 -14.45
C GLY B 315 -4.26 31.94 -14.53
N ALA B 316 -3.24 31.39 -15.18
CA ALA B 316 -3.14 29.95 -15.38
C ALA B 316 -2.40 29.30 -14.21
N TYR B 317 -2.86 28.11 -13.84
CA TYR B 317 -2.29 27.35 -12.73
C TYR B 317 -2.16 25.88 -13.11
N HIS B 318 -0.94 25.35 -13.07
CA HIS B 318 -0.71 23.93 -13.27
C HIS B 318 0.61 23.56 -12.61
N ALA B 319 0.89 22.25 -12.56
CA ALA B 319 2.02 21.73 -11.78
C ALA B 319 3.37 22.15 -12.35
N ASN B 320 3.46 22.30 -13.67
CA ASN B 320 4.70 22.65 -14.36
C ASN B 320 5.14 24.10 -14.13
N LEU B 321 4.32 24.93 -13.49
CA LEU B 321 4.73 26.29 -13.15
C LEU B 321 5.81 26.28 -12.05
N GLU B 322 6.64 27.32 -12.06
CA GLU B 322 7.62 27.51 -10.99
C GLU B 322 6.86 27.80 -9.69
N PRO B 323 7.41 27.37 -8.54
CA PRO B 323 6.70 27.61 -7.27
C PRO B 323 6.38 29.07 -6.96
N GLU B 324 7.28 29.98 -7.33
CA GLU B 324 6.99 31.41 -7.16
C GLU B 324 5.77 31.82 -7.99
N ASP B 325 5.68 31.36 -9.25
CA ASP B 325 4.49 31.64 -10.04
C ASP B 325 3.22 31.14 -9.37
N LYS B 326 3.24 29.92 -8.82
CA LYS B 326 2.07 29.42 -8.12
C LYS B 326 1.67 30.34 -6.97
N THR B 327 2.62 30.70 -6.12
CA THR B 327 2.27 31.56 -4.99
C THR B 327 1.79 32.93 -5.43
N THR B 328 2.42 33.52 -6.46
CA THR B 328 1.99 34.83 -6.95
C THR B 328 0.56 34.77 -7.47
N VAL B 329 0.26 33.76 -8.28
CA VAL B 329 -1.09 33.62 -8.83
C VAL B 329 -2.11 33.43 -7.72
N HIS B 330 -1.77 32.59 -6.72
CA HIS B 330 -2.70 32.36 -5.62
C HIS B 330 -2.94 33.69 -4.89
N ARG B 331 -1.89 34.48 -4.69
CA ARG B 331 -2.00 35.77 -4.01
C ARG B 331 -2.85 36.77 -4.79
N LYS B 332 -2.64 36.86 -6.11
CA LYS B 332 -3.42 37.80 -6.90
C LYS B 332 -4.88 37.41 -6.91
N TRP B 333 -5.16 36.11 -6.98
CA TRP B 333 -6.55 35.66 -6.97
C TRP B 333 -7.20 35.94 -5.61
N SER B 334 -6.49 35.65 -4.51
CA SER B 334 -7.06 35.88 -3.18
C SER B 334 -7.32 37.36 -2.92
N ALA B 335 -6.41 38.23 -3.38
CA ALA B 335 -6.60 39.67 -3.28
C ALA B 335 -7.63 40.19 -4.26
N ASN B 336 -8.19 39.32 -5.12
CA ASN B 336 -9.19 39.66 -6.12
C ASN B 336 -8.60 40.52 -7.23
N GLU B 337 -7.27 40.60 -7.32
CA GLU B 337 -6.64 41.24 -8.47
C GLU B 337 -6.83 40.42 -9.73
N ILE B 338 -6.87 39.09 -9.60
CA ILE B 338 -7.15 38.19 -10.70
C ILE B 338 -8.55 37.67 -10.46
N GLN B 339 -9.44 37.87 -11.43
CA GLN B 339 -10.81 37.41 -11.23
C GLN B 339 -10.95 35.91 -11.38
N VAL B 340 -10.31 35.33 -12.39
CA VAL B 340 -10.53 33.94 -12.76
C VAL B 340 -9.20 33.20 -12.70
N VAL B 341 -9.19 32.03 -12.09
CA VAL B 341 -8.02 31.17 -12.11
C VAL B 341 -8.35 29.96 -12.97
N VAL B 342 -7.66 29.85 -14.09
CA VAL B 342 -7.82 28.76 -15.05
C VAL B 342 -6.78 27.71 -14.68
N ALA B 343 -7.23 26.55 -14.23
CA ALA B 343 -6.38 25.65 -13.48
C ALA B 343 -6.57 24.21 -13.94
N THR B 344 -5.53 23.41 -13.77
CA THR B 344 -5.68 21.97 -13.87
C THR B 344 -6.01 21.49 -12.47
N VAL B 345 -5.97 20.18 -12.24
CA VAL B 345 -6.22 19.67 -10.90
C VAL B 345 -5.14 20.04 -9.89
N ALA B 346 -4.02 20.59 -10.33
CA ALA B 346 -3.00 21.01 -9.38
C ALA B 346 -3.51 22.05 -8.40
N PHE B 347 -4.27 23.04 -8.89
CA PHE B 347 -4.95 23.95 -7.99
C PHE B 347 -5.96 23.22 -7.12
N GLY B 348 -5.93 23.51 -5.82
CA GLY B 348 -6.66 22.74 -4.84
C GLY B 348 -5.94 22.63 -3.53
N MET B 349 -4.67 23.06 -3.54
CA MET B 349 -3.84 23.13 -2.34
C MET B 349 -4.37 24.23 -1.42
N GLY B 350 -4.94 23.81 -0.30
CA GLY B 350 -5.34 24.73 0.77
C GLY B 350 -6.18 25.89 0.30
N ILE B 351 -7.14 25.61 -0.57
CA ILE B 351 -8.04 26.62 -1.14
C ILE B 351 -9.03 27.02 -0.06
N ASP B 352 -8.85 28.20 0.52
CA ASP B 352 -9.70 28.70 1.58
C ASP B 352 -10.47 29.95 1.17
N LYS B 353 -10.44 30.30 -0.11
CA LYS B 353 -11.10 31.51 -0.56
C LYS B 353 -12.60 31.30 -0.36
N PRO B 354 -13.25 32.12 0.44
CA PRO B 354 -14.67 31.87 0.75
C PRO B 354 -15.64 32.47 -0.24
N ASP B 355 -15.19 33.42 -1.06
CA ASP B 355 -16.06 34.18 -1.95
C ASP B 355 -15.88 33.75 -3.41
N VAL B 356 -15.69 32.46 -3.65
CA VAL B 356 -15.60 31.91 -4.99
C VAL B 356 -17.02 31.74 -5.52
N ARG B 357 -17.47 32.64 -6.39
CA ARG B 357 -18.87 32.63 -6.80
C ARG B 357 -19.17 31.62 -7.90
N PHE B 358 -18.19 31.25 -8.73
CA PHE B 358 -18.44 30.31 -9.81
C PHE B 358 -17.25 29.39 -10.02
N VAL B 359 -17.54 28.12 -10.26
CA VAL B 359 -16.56 27.15 -10.76
C VAL B 359 -17.11 26.59 -12.06
N ILE B 360 -16.38 26.80 -13.15
CA ILE B 360 -16.80 26.36 -14.48
C ILE B 360 -15.85 25.24 -14.86
N HIS B 361 -16.38 24.15 -15.36
CA HIS B 361 -15.57 23.04 -15.83
C HIS B 361 -15.53 23.15 -17.35
N HIS B 362 -14.38 23.62 -17.84
CA HIS B 362 -14.12 23.64 -19.27
C HIS B 362 -14.14 22.23 -19.83
N SER B 363 -13.70 21.26 -19.03
CA SER B 363 -13.82 19.85 -19.37
C SER B 363 -14.31 19.09 -18.14
N MET B 364 -15.02 17.99 -18.39
CA MET B 364 -15.55 17.16 -17.32
C MET B 364 -14.38 16.60 -16.51
N SER B 365 -14.60 16.38 -15.21
CA SER B 365 -13.56 15.76 -14.40
C SER B 365 -13.41 14.28 -14.74
N LYS B 366 -12.32 13.67 -14.28
CA LYS B 366 -12.14 12.26 -14.63
C LYS B 366 -13.02 11.36 -13.79
N SER B 367 -13.67 11.87 -12.74
CA SER B 367 -14.46 11.05 -11.84
C SER B 367 -15.45 11.94 -11.08
N MET B 368 -16.46 11.31 -10.48
CA MET B 368 -17.38 12.03 -9.60
C MET B 368 -16.66 12.58 -8.37
N GLU B 369 -15.75 11.80 -7.79
CA GLU B 369 -14.97 12.28 -6.65
C GLU B 369 -14.31 13.60 -6.99
N ASN B 370 -13.59 13.64 -8.11
CA ASN B 370 -12.86 14.83 -8.48
C ASN B 370 -13.81 15.98 -8.76
N TYR B 371 -14.91 15.73 -9.49
CA TYR B 371 -15.80 16.84 -9.79
C TYR B 371 -16.40 17.42 -8.52
N TYR B 372 -16.78 16.56 -7.56
CA TYR B 372 -17.30 17.09 -6.31
C TYR B 372 -16.26 17.95 -5.60
N GLN B 373 -15.02 17.46 -5.47
CA GLN B 373 -14.01 18.26 -4.77
C GLN B 373 -13.72 19.57 -5.52
N GLU B 374 -13.61 19.52 -6.84
CA GLU B 374 -13.28 20.73 -7.58
C GLU B 374 -14.42 21.74 -7.54
N SER B 375 -15.67 21.29 -7.73
CA SER B 375 -16.80 22.22 -7.65
C SER B 375 -16.98 22.78 -6.24
N GLY B 376 -16.70 21.98 -5.20
CA GLY B 376 -16.97 22.38 -3.83
C GLY B 376 -16.14 23.56 -3.34
N ARG B 377 -15.13 23.99 -4.12
CA ARG B 377 -14.39 25.18 -3.79
C ARG B 377 -15.22 26.45 -3.94
N ALA B 378 -16.35 26.35 -4.63
CA ALA B 378 -17.25 27.47 -4.76
C ALA B 378 -18.11 27.60 -3.50
N GLY B 379 -18.42 28.85 -3.16
CA GLY B 379 -19.36 29.16 -2.09
C GLY B 379 -18.97 28.64 -0.73
N ARG B 380 -17.68 28.75 -0.39
CA ARG B 380 -17.26 28.39 0.97
C ARG B 380 -17.82 29.36 2.00
N ASP B 381 -18.24 30.55 1.57
CA ASP B 381 -18.83 31.52 2.49
C ASP B 381 -20.28 31.17 2.79
N ASP B 382 -20.76 30.05 2.24
CA ASP B 382 -22.10 29.53 2.44
C ASP B 382 -23.11 30.40 1.71
N MET B 383 -22.67 31.44 1.00
CA MET B 383 -23.60 32.13 0.15
C MET B 383 -23.76 31.41 -1.17
N LYS B 384 -24.74 31.86 -1.94
CA LYS B 384 -25.05 31.11 -3.14
C LYS B 384 -23.89 31.16 -4.15
N ALA B 385 -23.66 30.03 -4.83
CA ALA B 385 -22.64 29.92 -5.86
C ALA B 385 -23.00 28.91 -6.94
N ASP B 386 -22.33 29.07 -8.09
CA ASP B 386 -22.64 28.24 -9.25
C ASP B 386 -21.49 27.31 -9.64
N CYS B 387 -21.84 26.06 -9.96
CA CYS B 387 -20.94 25.06 -10.51
C CYS B 387 -21.49 24.65 -11.87
N ILE B 388 -20.83 25.10 -12.93
CA ILE B 388 -21.32 24.93 -14.30
C ILE B 388 -20.36 24.01 -15.01
N LEU B 389 -20.86 22.93 -15.60
CA LEU B 389 -20.01 21.94 -16.24
C LEU B 389 -20.29 21.90 -17.72
N TYR B 390 -19.24 21.83 -18.54
CA TYR B 390 -19.39 21.76 -19.99
C TYR B 390 -19.03 20.36 -20.48
N TYR B 391 -20.01 19.70 -21.08
CA TYR B 391 -19.93 18.30 -21.47
C TYR B 391 -19.64 18.21 -22.96
N GLY B 392 -18.52 17.58 -23.31
CA GLY B 392 -18.15 17.41 -24.70
C GLY B 392 -17.86 15.97 -25.02
N PHE B 393 -18.29 15.53 -26.21
CA PHE B 393 -18.12 14.14 -26.62
C PHE B 393 -16.65 13.75 -26.63
N GLY B 394 -15.77 14.61 -27.16
CA GLY B 394 -14.37 14.26 -27.29
C GLY B 394 -13.63 14.22 -25.98
N ASP B 395 -14.13 14.96 -24.97
CA ASP B 395 -13.50 14.92 -23.64
C ASP B 395 -13.56 13.52 -23.06
N ILE B 396 -14.61 12.74 -23.37
CA ILE B 396 -14.68 11.37 -22.86
C ILE B 396 -13.42 10.62 -23.23
N PHE B 397 -13.04 10.67 -24.50
CA PHE B 397 -11.91 9.90 -25.00
C PHE B 397 -10.57 10.53 -24.62
N ARG B 398 -10.52 11.86 -24.50
CA ARG B 398 -9.31 12.49 -23.96
C ARG B 398 -9.01 11.94 -22.57
N ILE B 399 -10.01 11.97 -21.69
CA ILE B 399 -9.83 11.50 -20.32
C ILE B 399 -9.64 10.00 -20.28
N SER B 400 -10.34 9.27 -21.15
CA SER B 400 -10.23 7.81 -21.16
C SER B 400 -8.81 7.37 -21.51
N SER B 401 -8.23 7.98 -22.55
CA SER B 401 -6.84 7.68 -22.89
C SER B 401 -5.89 8.06 -21.77
N MET B 402 -6.15 9.18 -21.09
CA MET B 402 -5.28 9.60 -20.00
C MET B 402 -5.26 8.57 -18.86
N VAL B 403 -6.42 8.02 -18.49
CA VAL B 403 -6.51 7.17 -17.29
C VAL B 403 -6.37 5.68 -17.60
N VAL B 404 -5.97 5.33 -18.83
CA VAL B 404 -5.81 3.92 -19.22
C VAL B 404 -4.96 3.12 -18.23
N MET B 405 -4.05 3.76 -17.50
CA MET B 405 -3.23 3.03 -16.55
C MET B 405 -3.95 2.80 -15.22
N GLU B 406 -4.92 3.64 -14.89
CA GLU B 406 -5.66 3.45 -13.66
C GLU B 406 -6.62 2.30 -13.83
N ASN B 407 -6.60 1.38 -12.86
CA ASN B 407 -7.35 0.15 -12.98
C ASN B 407 -8.85 0.42 -13.03
N VAL B 408 -9.32 1.44 -12.31
CA VAL B 408 -10.72 1.85 -12.31
C VAL B 408 -10.93 3.18 -13.04
N GLY B 409 -9.94 3.66 -13.80
CA GLY B 409 -10.08 4.98 -14.42
C GLY B 409 -11.25 5.10 -15.39
N GLN B 410 -11.43 4.11 -16.26
CA GLN B 410 -12.54 4.13 -17.21
C GLN B 410 -13.88 4.11 -16.50
N GLN B 411 -13.97 3.35 -15.42
CA GLN B 411 -15.23 3.20 -14.69
C GLN B 411 -15.67 4.52 -14.04
N LYS B 412 -14.77 5.20 -13.34
CA LYS B 412 -15.14 6.47 -12.73
C LYS B 412 -15.38 7.54 -13.79
N LEU B 413 -14.64 7.48 -14.91
CA LEU B 413 -14.94 8.38 -16.02
C LEU B 413 -16.34 8.15 -16.57
N TYR B 414 -16.75 6.90 -16.73
CA TYR B 414 -18.07 6.61 -17.28
C TYR B 414 -19.17 7.00 -16.29
N GLU B 415 -18.91 6.87 -14.99
CA GLU B 415 -19.86 7.37 -13.99
C GLU B 415 -20.04 8.88 -14.15
N MET B 416 -18.94 9.60 -14.36
CA MET B 416 -19.02 11.03 -14.64
C MET B 416 -19.84 11.30 -15.90
N VAL B 417 -19.59 10.51 -16.94
CA VAL B 417 -20.32 10.66 -18.20
C VAL B 417 -21.82 10.47 -17.97
N SER B 418 -22.18 9.45 -17.20
CA SER B 418 -23.60 9.19 -16.94
C SER B 418 -24.24 10.37 -16.21
N TYR B 419 -23.51 10.95 -15.25
CA TYR B 419 -24.02 12.16 -14.61
C TYR B 419 -24.31 13.22 -15.65
N CYS B 420 -23.40 13.38 -16.62
CA CYS B 420 -23.58 14.39 -17.66
C CYS B 420 -24.79 14.08 -18.56
N GLN B 421 -25.00 12.81 -18.90
CA GLN B 421 -26.05 12.43 -19.84
C GLN B 421 -27.46 12.64 -19.26
N ASN B 422 -27.60 12.67 -17.94
CA ASN B 422 -28.91 12.73 -17.30
C ASN B 422 -29.57 14.10 -17.47
N ILE B 423 -30.83 14.10 -17.87
CA ILE B 423 -31.57 15.35 -18.09
C ILE B 423 -32.78 15.49 -17.19
N SER B 424 -33.12 14.48 -16.38
CA SER B 424 -34.27 14.51 -15.50
C SER B 424 -33.90 14.53 -14.02
N LYS B 425 -33.06 13.59 -13.59
CA LYS B 425 -32.76 13.37 -12.18
C LYS B 425 -32.00 14.53 -11.59
N CYS B 426 -32.26 14.78 -10.30
CA CYS B 426 -31.58 15.84 -9.59
C CYS B 426 -30.09 15.53 -9.42
N ARG B 427 -29.27 16.57 -9.56
CA ARG B 427 -27.83 16.40 -9.43
C ARG B 427 -27.45 15.91 -8.04
N ARG B 428 -28.11 16.44 -7.00
CA ARG B 428 -27.83 15.99 -5.64
C ARG B 428 -28.14 14.51 -5.48
N VAL B 429 -29.17 14.03 -6.15
CA VAL B 429 -29.48 12.60 -6.08
C VAL B 429 -28.35 11.78 -6.71
N LEU B 430 -27.83 12.23 -7.85
CA LEU B 430 -26.72 11.51 -8.47
C LEU B 430 -25.48 11.49 -7.58
N MET B 431 -25.15 12.65 -6.98
CA MET B 431 -24.02 12.67 -6.04
C MET B 431 -24.27 11.75 -4.86
N ALA B 432 -25.50 11.72 -4.37
CA ALA B 432 -25.83 10.86 -3.25
C ALA B 432 -25.63 9.40 -3.61
N GLN B 433 -26.02 9.02 -4.83
CA GLN B 433 -25.75 7.65 -5.27
C GLN B 433 -24.27 7.36 -5.24
N HIS B 434 -23.45 8.32 -5.72
CA HIS B 434 -22.01 8.11 -5.72
C HIS B 434 -21.47 7.94 -4.30
N PHE B 435 -21.95 8.76 -3.37
CA PHE B 435 -21.50 8.74 -1.98
C PHE B 435 -22.19 7.70 -1.11
N ASP B 436 -23.13 6.93 -1.66
CA ASP B 436 -23.92 5.97 -0.88
C ASP B 436 -24.59 6.62 0.33
N GLU B 437 -25.13 7.82 0.13
CA GLU B 437 -25.75 8.62 1.20
C GLU B 437 -27.25 8.68 1.03
N VAL B 438 -27.98 8.47 2.13
CA VAL B 438 -29.45 8.55 2.08
C VAL B 438 -29.87 9.99 1.79
N TRP B 439 -30.73 10.17 0.79
CA TRP B 439 -31.10 11.49 0.29
C TRP B 439 -32.60 11.66 0.11
N ASN B 440 -33.04 12.91 0.15
CA ASN B 440 -34.42 13.28 -0.13
C ASN B 440 -34.45 14.05 -1.45
N SER B 441 -35.29 13.61 -2.38
CA SER B 441 -35.28 14.17 -3.73
C SER B 441 -35.51 15.69 -3.77
N GLU B 442 -36.45 16.18 -2.95
CA GLU B 442 -36.85 17.58 -2.96
C GLU B 442 -36.06 18.48 -2.00
N ALA B 443 -35.02 17.96 -1.36
CA ALA B 443 -34.16 18.76 -0.49
C ALA B 443 -33.28 19.71 -1.29
N CYS B 444 -33.08 19.42 -2.58
CA CYS B 444 -32.32 20.27 -3.50
C CYS B 444 -32.90 21.67 -3.62
N ASN B 445 -34.22 21.78 -3.73
CA ASN B 445 -34.94 23.03 -3.54
C ASN B 445 -34.60 24.07 -4.62
N LYS B 446 -34.78 23.67 -5.89
CA LYS B 446 -34.54 24.50 -7.07
C LYS B 446 -33.05 24.80 -7.29
N MET B 447 -32.13 24.02 -6.69
CA MET B 447 -30.71 24.37 -6.67
C MET B 447 -29.88 23.53 -7.64
N CYS B 448 -30.52 22.94 -8.65
CA CYS B 448 -29.79 22.31 -9.74
C CYS B 448 -30.61 22.48 -11.02
N ASP B 449 -29.92 22.36 -12.15
CA ASP B 449 -30.55 22.68 -13.44
C ASP B 449 -31.70 21.75 -13.76
N ASN B 450 -31.58 20.46 -13.43
CA ASN B 450 -32.65 19.51 -13.73
C ASN B 450 -33.89 19.74 -12.87
N CYS B 451 -33.70 20.23 -11.64
CA CYS B 451 -34.79 20.47 -10.70
C CYS B 451 -35.63 21.67 -11.11
N CYS B 452 -35.03 22.58 -11.86
CA CYS B 452 -35.50 23.85 -12.40
C CYS B 452 -36.28 23.72 -13.71
N LYS B 453 -36.46 22.51 -14.24
CA LYS B 453 -37.27 22.35 -15.43
C LYS B 453 -38.68 21.87 -15.14
N GLY B 454 -38.94 21.36 -13.95
CA GLY B 454 -40.29 21.05 -13.52
C GLY B 454 -40.69 21.78 -12.25
N SER B 465 -43.99 12.91 -17.87
CA SER B 465 -43.79 14.28 -17.36
C SER B 465 -43.40 15.20 -18.51
N ALA B 466 -42.17 15.73 -18.53
CA ALA B 466 -41.74 16.48 -19.71
C ALA B 466 -40.69 15.72 -20.47
N PHE B 467 -40.51 14.44 -20.15
CA PHE B 467 -39.57 13.54 -20.78
C PHE B 467 -40.29 12.31 -21.26
N GLU B 468 -39.57 11.54 -22.05
CA GLU B 468 -40.10 10.36 -22.69
C GLU B 468 -38.92 9.47 -23.05
N ARG B 469 -39.22 8.26 -23.49
CA ARG B 469 -38.19 7.29 -23.84
C ARG B 469 -38.14 7.08 -25.34
N LYS B 470 -36.94 6.97 -25.87
CA LYS B 470 -36.74 6.83 -27.30
C LYS B 470 -36.04 5.51 -27.52
N ASN B 471 -36.57 4.72 -28.45
CA ASN B 471 -35.97 3.46 -28.80
C ASN B 471 -34.90 3.69 -29.87
N ILE B 472 -33.67 3.38 -29.54
CA ILE B 472 -32.51 3.66 -30.37
C ILE B 472 -31.78 2.38 -30.73
N THR B 473 -32.50 1.25 -30.68
CA THR B 473 -31.89 -0.05 -30.93
C THR B 473 -31.39 -0.16 -32.36
N GLU B 474 -32.17 0.33 -33.32
CA GLU B 474 -31.78 0.20 -34.74
C GLU B 474 -30.53 1.02 -35.04
N TYR B 475 -30.35 2.17 -34.36
CA TYR B 475 -29.10 2.89 -34.48
C TYR B 475 -27.93 2.03 -34.00
N CYS B 476 -28.12 1.30 -32.90
CA CYS B 476 -27.06 0.43 -32.41
C CYS B 476 -26.74 -0.64 -33.44
N ARG B 477 -27.78 -1.23 -34.06
CA ARG B 477 -27.51 -2.24 -35.07
C ARG B 477 -26.75 -1.66 -36.25
N ASP B 478 -27.11 -0.45 -36.68
CA ASP B 478 -26.40 0.19 -37.79
C ASP B 478 -24.94 0.41 -37.44
N LEU B 479 -24.68 0.93 -36.23
CA LEU B 479 -23.31 1.16 -35.81
C LEU B 479 -22.53 -0.14 -35.73
N ILE B 480 -23.17 -1.21 -35.25
CA ILE B 480 -22.51 -2.51 -35.17
C ILE B 480 -22.20 -3.04 -36.57
N LYS B 481 -23.09 -2.80 -37.54
CA LYS B 481 -22.77 -3.18 -38.92
C LYS B 481 -21.54 -2.43 -39.39
N ILE B 482 -21.46 -1.13 -39.08
CA ILE B 482 -20.29 -0.37 -39.49
C ILE B 482 -19.03 -0.96 -38.83
N LEU B 483 -19.14 -1.29 -37.55
CA LEU B 483 -18.03 -1.91 -36.83
C LEU B 483 -17.62 -3.26 -37.41
N LYS B 484 -18.60 -4.08 -37.82
CA LYS B 484 -18.30 -5.42 -38.40
C LYS B 484 -17.60 -5.23 -39.75
N GLN B 485 -18.08 -4.29 -40.56
CA GLN B 485 -17.41 -4.03 -41.83
C GLN B 485 -15.98 -3.56 -41.58
N ALA B 486 -15.78 -2.69 -40.57
CA ALA B 486 -14.42 -2.25 -40.27
C ALA B 486 -13.55 -3.43 -39.86
N GLU B 487 -14.05 -4.33 -39.01
CA GLU B 487 -13.14 -5.37 -38.52
C GLU B 487 -12.87 -6.40 -39.61
N GLU B 488 -13.85 -6.67 -40.49
CA GLU B 488 -13.58 -7.55 -41.62
C GLU B 488 -12.61 -6.93 -42.61
N LEU B 489 -12.75 -5.63 -42.89
CA LEU B 489 -11.77 -4.99 -43.76
C LEU B 489 -10.46 -4.71 -43.06
N ASN B 490 -10.31 -5.19 -41.82
CA ASN B 490 -9.13 -4.98 -41.00
C ASN B 490 -8.83 -3.47 -40.85
N GLU B 491 -9.86 -2.71 -40.48
CA GLU B 491 -9.79 -1.26 -40.27
C GLU B 491 -10.18 -0.89 -38.84
N LYS B 492 -9.42 0.01 -38.21
CA LYS B 492 -9.77 0.49 -36.88
C LYS B 492 -10.47 1.86 -36.95
N LEU B 493 -11.59 1.96 -36.24
CA LEU B 493 -12.47 3.13 -36.26
C LEU B 493 -12.32 3.96 -34.99
N THR B 494 -11.97 5.24 -35.14
CA THR B 494 -12.10 6.19 -34.05
C THR B 494 -13.55 6.65 -33.92
N PRO B 495 -13.96 7.20 -32.76
CA PRO B 495 -15.36 7.67 -32.65
C PRO B 495 -15.75 8.63 -33.76
N LEU B 496 -14.83 9.50 -34.17
CA LEU B 496 -15.07 10.42 -35.28
C LEU B 496 -15.29 9.65 -36.59
N LYS B 497 -14.47 8.62 -36.82
CA LYS B 497 -14.61 7.79 -38.02
C LYS B 497 -15.95 7.07 -38.01
N LEU B 498 -16.37 6.59 -36.84
CA LEU B 498 -17.66 5.91 -36.70
C LEU B 498 -18.80 6.87 -37.03
N ILE B 499 -18.72 8.10 -36.50
CA ILE B 499 -19.78 9.06 -36.75
C ILE B 499 -19.82 9.45 -38.22
N ASP B 500 -18.64 9.57 -38.85
CA ASP B 500 -18.61 9.90 -40.27
C ASP B 500 -19.23 8.79 -41.13
N SER B 501 -18.90 7.52 -40.84
CA SER B 501 -19.54 6.43 -41.57
C SER B 501 -21.05 6.41 -41.35
N TRP B 502 -21.48 6.72 -40.12
CA TRP B 502 -22.90 6.83 -39.79
C TRP B 502 -23.59 7.91 -40.61
N MET B 503 -22.94 9.06 -40.77
CA MET B 503 -23.53 10.18 -41.49
C MET B 503 -23.37 10.07 -43.00
N GLY B 504 -22.72 9.02 -43.49
CA GLY B 504 -22.54 8.83 -44.92
C GLY B 504 -21.33 9.57 -45.47
N LYS B 505 -20.58 10.25 -44.62
CA LYS B 505 -19.32 10.89 -44.94
C LYS B 505 -18.16 9.94 -44.66
N GLY B 506 -16.94 10.47 -44.62
CA GLY B 506 -15.77 9.71 -44.28
C GLY B 506 -15.31 8.85 -45.43
N ALA B 507 -14.46 7.87 -45.12
CA ALA B 507 -13.99 6.97 -46.16
C ALA B 507 -15.15 6.16 -46.72
N ALA B 508 -15.18 6.02 -48.04
CA ALA B 508 -16.28 5.31 -48.67
C ALA B 508 -16.30 3.85 -48.25
N LYS B 509 -15.12 3.24 -48.15
CA LYS B 509 -15.02 1.83 -47.82
C LYS B 509 -15.55 1.54 -46.42
N LEU B 510 -15.54 2.51 -45.52
CA LEU B 510 -16.01 2.31 -44.15
C LEU B 510 -17.53 2.34 -44.04
N ARG B 511 -18.21 2.89 -45.05
CA ARG B 511 -19.66 3.01 -45.06
C ARG B 511 -20.37 1.69 -45.35
N VAL B 512 -21.55 1.54 -44.77
CA VAL B 512 -22.37 0.34 -44.88
C VAL B 512 -23.61 0.71 -45.69
N ALA B 513 -23.91 -0.09 -46.70
CA ALA B 513 -25.07 0.16 -47.54
C ALA B 513 -26.35 0.11 -46.71
N GLY B 514 -27.21 1.11 -46.89
CA GLY B 514 -28.48 1.20 -46.21
C GLY B 514 -28.46 1.85 -44.84
N VAL B 515 -27.30 2.17 -44.29
CA VAL B 515 -27.21 2.80 -42.98
C VAL B 515 -27.29 4.31 -43.17
N VAL B 516 -28.40 4.91 -42.78
CA VAL B 516 -28.60 6.35 -42.88
C VAL B 516 -28.80 6.89 -41.47
N ALA B 517 -27.99 7.87 -41.09
CA ALA B 517 -28.09 8.42 -39.75
C ALA B 517 -29.35 9.29 -39.62
N PRO B 518 -29.93 9.34 -38.43
CA PRO B 518 -31.09 10.21 -38.21
C PRO B 518 -30.76 11.69 -38.31
N THR B 519 -31.78 12.46 -38.70
CA THR B 519 -31.67 13.91 -38.88
C THR B 519 -31.74 14.60 -37.51
N LEU B 520 -30.63 14.54 -36.80
CA LEU B 520 -30.47 15.10 -35.46
C LEU B 520 -29.20 15.95 -35.42
N PRO B 521 -29.12 16.91 -34.51
CA PRO B 521 -27.87 17.63 -34.33
C PRO B 521 -26.77 16.64 -33.95
N ARG B 522 -25.55 17.01 -34.30
CA ARG B 522 -24.40 16.15 -34.06
C ARG B 522 -24.30 15.76 -32.59
N GLU B 523 -24.72 16.67 -31.70
CA GLU B 523 -24.64 16.37 -30.28
C GLU B 523 -25.49 15.14 -29.95
N ASP B 524 -26.66 15.03 -30.61
CA ASP B 524 -27.57 13.92 -30.34
C ASP B 524 -26.98 12.59 -30.80
N LEU B 525 -26.35 12.55 -31.98
CA LEU B 525 -25.71 11.30 -32.39
C LEU B 525 -24.56 10.99 -31.44
N GLU B 526 -23.80 12.00 -31.01
CA GLU B 526 -22.74 11.77 -30.03
C GLU B 526 -23.29 11.23 -28.71
N LYS B 527 -24.41 11.78 -28.25
CA LYS B 527 -25.02 11.31 -27.00
C LYS B 527 -25.50 9.86 -27.16
N ILE B 528 -26.05 9.53 -28.33
CA ILE B 528 -26.50 8.16 -28.58
C ILE B 528 -25.31 7.20 -28.53
N ILE B 529 -24.19 7.60 -29.15
CA ILE B 529 -22.99 6.77 -29.10
C ILE B 529 -22.43 6.67 -27.69
N ALA B 530 -22.46 7.77 -26.93
CA ALA B 530 -21.99 7.72 -25.55
C ALA B 530 -22.85 6.79 -24.72
N HIS B 531 -24.18 6.84 -24.91
CA HIS B 531 -25.07 5.92 -24.21
C HIS B 531 -24.74 4.49 -24.56
N PHE B 532 -24.53 4.21 -25.86
CA PHE B 532 -24.13 2.87 -26.26
C PHE B 532 -22.82 2.45 -25.61
N LEU B 533 -21.89 3.39 -25.44
CA LEU B 533 -20.59 3.10 -24.84
C LEU B 533 -20.69 2.79 -23.35
N ILE B 534 -21.34 3.67 -22.59
CA ILE B 534 -21.43 3.40 -21.16
C ILE B 534 -22.36 2.24 -20.92
N GLN B 535 -23.27 1.95 -21.87
CA GLN B 535 -24.06 0.75 -21.71
C GLN B 535 -23.33 -0.47 -22.24
N GLN B 536 -22.12 -0.32 -22.76
CA GLN B 536 -21.24 -1.43 -23.12
C GLN B 536 -21.72 -2.22 -24.33
N TYR B 537 -22.66 -1.68 -25.11
CA TYR B 537 -22.92 -2.25 -26.43
C TYR B 537 -21.79 -1.88 -27.38
N LEU B 538 -21.14 -0.76 -27.12
CA LEU B 538 -19.90 -0.40 -27.78
C LEU B 538 -18.85 -0.33 -26.68
N LYS B 539 -17.61 -0.61 -27.04
CA LYS B 539 -16.50 -0.57 -26.09
C LYS B 539 -15.33 0.20 -26.68
N GLU B 540 -14.49 0.70 -25.77
CA GLU B 540 -13.27 1.37 -26.16
C GLU B 540 -12.17 0.33 -26.32
N ASP B 541 -11.36 0.52 -27.35
CA ASP B 541 -10.21 -0.33 -27.61
C ASP B 541 -9.01 0.60 -27.70
N TYR B 542 -8.12 0.51 -26.73
CA TYR B 542 -7.02 1.44 -26.67
C TYR B 542 -5.88 0.88 -27.50
N SER B 543 -5.23 1.77 -28.24
CA SER B 543 -4.04 1.43 -29.00
C SER B 543 -2.94 2.36 -28.56
N PHE B 544 -1.77 1.79 -28.34
CA PHE B 544 -0.62 2.54 -27.89
C PHE B 544 0.27 2.80 -29.10
N THR B 545 0.55 4.06 -29.34
CA THR B 545 1.44 4.46 -30.40
C THR B 545 2.58 5.25 -29.80
N ALA B 546 3.46 5.69 -30.69
CA ALA B 546 4.72 6.29 -30.30
C ALA B 546 4.48 7.49 -29.41
N TYR B 547 3.61 8.40 -29.86
CA TYR B 547 3.40 9.66 -29.18
C TYR B 547 2.11 9.72 -28.35
N ALA B 548 1.18 8.78 -28.51
CA ALA B 548 -0.10 8.91 -27.82
C ALA B 548 -0.77 7.59 -27.59
N THR B 549 -1.71 7.58 -26.63
CA THR B 549 -2.57 6.43 -26.43
C THR B 549 -3.91 6.89 -27.01
N ILE B 550 -4.50 6.10 -27.90
CA ILE B 550 -5.68 6.52 -28.60
C ILE B 550 -6.81 5.52 -28.43
N SER B 551 -8.04 6.02 -28.55
CA SER B 551 -9.22 5.19 -28.39
C SER B 551 -9.88 4.91 -29.72
N TYR B 552 -10.15 3.64 -29.97
CA TYR B 552 -11.02 3.19 -31.05
C TYR B 552 -12.32 2.71 -30.42
N LEU B 553 -13.35 2.60 -31.24
CA LEU B 553 -14.59 2.01 -30.78
C LEU B 553 -14.73 0.64 -31.43
N LYS B 554 -15.13 -0.34 -30.64
CA LYS B 554 -15.31 -1.70 -31.09
C LYS B 554 -16.62 -2.24 -30.55
N ILE B 555 -17.01 -3.41 -31.06
CA ILE B 555 -18.24 -4.06 -30.63
C ILE B 555 -18.12 -4.42 -29.15
N GLY B 556 -19.09 -3.98 -28.35
CA GLY B 556 -19.03 -4.15 -26.92
C GLY B 556 -19.50 -5.51 -26.47
N PRO B 557 -19.30 -5.78 -25.17
CA PRO B 557 -19.71 -7.10 -24.63
C PRO B 557 -21.19 -7.40 -24.78
N LYS B 558 -22.07 -6.41 -24.60
CA LYS B 558 -23.50 -6.68 -24.58
C LYS B 558 -24.14 -6.66 -25.96
N ALA B 559 -23.34 -6.50 -27.03
CA ALA B 559 -23.89 -6.46 -28.38
C ALA B 559 -24.58 -7.77 -28.75
N ASN B 560 -24.14 -8.89 -28.19
CA ASN B 560 -24.81 -10.16 -28.47
C ASN B 560 -26.28 -10.12 -28.04
N LEU B 561 -26.61 -9.27 -27.07
CA LEU B 561 -28.00 -9.08 -26.66
C LEU B 561 -28.88 -8.60 -27.80
N LEU B 562 -28.29 -7.96 -28.82
CA LEU B 562 -29.07 -7.50 -29.96
C LEU B 562 -29.57 -8.66 -30.81
N ASN B 563 -29.08 -9.87 -30.55
CA ASN B 563 -29.53 -11.05 -31.28
C ASN B 563 -31.02 -11.29 -31.05
N ASN B 564 -31.50 -10.99 -29.84
CA ASN B 564 -32.94 -11.06 -29.59
C ASN B 564 -33.57 -9.91 -30.36
N GLU B 565 -34.60 -10.22 -31.16
CA GLU B 565 -35.17 -9.16 -31.98
C GLU B 565 -36.10 -8.27 -31.19
N ALA B 566 -36.51 -8.72 -30.02
CA ALA B 566 -37.36 -7.98 -29.12
C ALA B 566 -36.55 -7.08 -28.21
N HIS B 567 -35.23 -7.19 -28.27
CA HIS B 567 -34.36 -6.37 -27.45
C HIS B 567 -34.57 -4.90 -27.78
N ALA B 568 -34.54 -4.07 -26.76
CA ALA B 568 -34.71 -2.64 -26.93
C ALA B 568 -33.71 -1.91 -26.06
N ILE B 569 -33.25 -0.78 -26.58
CA ILE B 569 -32.33 0.10 -25.90
C ILE B 569 -33.00 1.45 -25.96
N THR B 570 -33.24 2.04 -24.80
CA THR B 570 -33.98 3.28 -24.68
C THR B 570 -33.13 4.34 -24.02
N MET B 571 -33.21 5.55 -24.55
CA MET B 571 -32.52 6.67 -23.95
C MET B 571 -33.59 7.72 -23.72
N GLN B 572 -33.48 8.45 -22.63
CA GLN B 572 -34.48 9.46 -22.31
C GLN B 572 -34.24 10.77 -23.03
N VAL B 573 -35.30 11.34 -23.57
CA VAL B 573 -35.25 12.65 -24.22
C VAL B 573 -36.41 13.49 -23.71
N THR B 574 -36.37 14.77 -24.04
CA THR B 574 -37.45 15.71 -23.75
C THR B 574 -38.46 15.73 -24.89
N LYS B 575 -39.71 16.10 -24.58
CA LYS B 575 -40.74 16.11 -25.61
C LYS B 575 -41.05 17.56 -25.98
ZN ZN G . 12.27 -33.65 13.32
ZN ZN H . -31.95 19.15 -7.82
#